data_9D3S
#
_entry.id   9D3S
#
_cell.length_a   1.00
_cell.length_b   1.00
_cell.length_c   1.00
_cell.angle_alpha   90.00
_cell.angle_beta   90.00
_cell.angle_gamma   90.00
#
_symmetry.space_group_name_H-M   'P 1'
#
loop_
_entity.id
_entity.type
_entity.pdbx_description
1 polymer 'Histone H3.2'
2 polymer 'Histone H4'
3 polymer 'Histone H2A type 2-A'
4 polymer 'Histone H2B type 1-M'
5 polymer '5S rDNA (noncoding strand)'
6 polymer '5S rDNA (coding strand)'
#
loop_
_entity_poly.entity_id
_entity_poly.type
_entity_poly.pdbx_seq_one_letter_code
_entity_poly.pdbx_strand_id
1 'polypeptide(L)'
;KPHRYRPGTVALREIRRYQKSTELLIRKLPFQRLVREIAQDFKTDLRFQSSAVMALQEASEAYLVGLFEDTNLCAIHAKR
VTIMPKDIQLARRIRGERA
;
A,E
2 'polypeptide(L)'
;VLRDNIQGITKPAIRRLARRGGVKRISGLIYEETRGVLKVFLENVIRDAVTYTEHAKRKTVTAMDVVYALKRQGRTLYGF
GG
;
B,F
3 'polypeptide(L)'
;AKSRSSRAGLQFPVGRVHRLLRKGNYAERVGAGAPVYMAAVLEYLTAEILELAGNAARDNKKTRIIPRHLQLAIRNDEEL
NKLLGKVTIAQGGVLPNIQAVLLPK
;
C,G
4 'polypeptide(L)'
;RSRKESYSVYVYKVLKQVHPDTGISSKAMGIMNSFVNDIFERIAGEASRLAHYNKRSTITSREIQTAVRLLLPGELAKHA
VSEGTKAVTKYTSS
;
D,H
5 'polydeoxyribonucleotide'
;(DC)(DT)(DT)(DG)(DT)(DT)(DT)(DT)(DC)(DC)(DT)(DG)(DC)(DC)(DT)(DG)(DG)(DG)(DG)(DG)
(DA)(DA)(DA)(DA)(DG)(DA)(DC)(DC)(DC)(DT)(DG)(DG)(DC)(DA)(DT)(DG)(DG)(DG)(DG)(DA)
(DG)(DG)(DA)(DG)(DC)(DT)(DG)(DG)(DG)(DC)(DC)(DC)(DC)(DC)(DC)(DC)(DC)(DA)(DG)(DA)
(DA)(DG)(DG)(DC)(DA)(DG)(DC)(DA)(DC)(DA)(DA)(DG)(DG)(DG)(DG)(DA)(DG)(DG)(DA)(DA)
(DA)(DA)(DG)(DT)(DC)(DA)(DG)(DC)(DC)(DT)(DT)(DG)(DT)(DG)(DC)(DT)(DC)(DG)(DC)(DC)
(DT)(DA)(DC)(DG)(DG)(DC)(DC)(DA)(DT)(DA)(DC)(DC)(DA)(DC)(DC)(DC)(DT)(DG)(DA)(DA)
(DA)(DG)(DT)
;
I
6 'polydeoxyribonucleotide'
;(DA)(DC)(DT)(DT)(DT)(DC)(DA)(DG)(DG)(DG)(DT)(DG)(DG)(DT)(DA)(DT)(DG)(DG)(DC)(DC)
(DG)(DT)(DA)(DG)(DG)(DC)(DG)(DA)(DG)(DC)(DA)(DC)(DA)(DA)(DG)(DG)(DC)(DT)(DG)(DA)
(DC)(DT)(DT)(DT)(DT)(DC)(DC)(DT)(DC)(DC)(DC)(DC)(DT)(DT)(DG)(DT)(DG)(DC)(DT)(DG)
(DC)(DC)(DT)(DT)(DC)(DT)(DG)(DG)(DG)(DG)(DG)(DG)(DG)(DG)(DC)(DC)(DC)(DA)(DG)(DC)
(DT)(DC)(DC)(DT)(DC)(DC)(DC)(DC)(DA)(DT)(DG)(DC)(DC)(DA)(DG)(DG)(DG)(DT)(DC)(DT)
(DT)(DT)(DT)(DC)(DC)(DC)(DC)(DC)(DA)(DG)(DG)(DC)(DA)(DG)(DG)(DA)(DA)(DA)(DA)(DC)
(DA)(DA)(DG)
;
J
#
# COMPACT_ATOMS: atom_id res chain seq x y z
N HIS A 3 -21.68 -35.58 -32.79
CA HIS A 3 -21.96 -35.29 -31.39
C HIS A 3 -21.44 -33.91 -30.99
N ARG A 4 -22.15 -33.26 -30.07
CA ARG A 4 -21.75 -31.95 -29.57
C ARG A 4 -21.95 -31.92 -28.06
N TYR A 5 -20.97 -31.37 -27.35
CA TYR A 5 -21.02 -31.29 -25.90
C TYR A 5 -22.03 -30.24 -25.46
N ARG A 6 -22.64 -30.48 -24.32
CA ARG A 6 -23.54 -29.49 -23.74
C ARG A 6 -22.75 -28.25 -23.32
N PRO A 7 -23.31 -27.06 -23.48
CA PRO A 7 -22.58 -25.84 -23.12
C PRO A 7 -22.19 -25.82 -21.66
N GLY A 8 -20.89 -25.72 -21.40
CA GLY A 8 -20.38 -25.63 -20.04
C GLY A 8 -19.27 -26.59 -19.72
N THR A 9 -19.35 -27.83 -20.19
CA THR A 9 -18.25 -28.76 -19.96
C THR A 9 -16.99 -28.32 -20.71
N VAL A 10 -17.16 -27.80 -21.93
CA VAL A 10 -16.05 -27.19 -22.64
C VAL A 10 -15.53 -25.99 -21.87
N ALA A 11 -16.43 -25.25 -21.21
CA ALA A 11 -16.01 -24.11 -20.40
C ALA A 11 -15.11 -24.54 -19.26
N LEU A 12 -15.52 -25.53 -18.49
CA LEU A 12 -14.68 -26.03 -17.41
C LEU A 12 -13.38 -26.61 -17.91
N ARG A 13 -13.41 -27.33 -19.03
CA ARG A 13 -12.17 -27.85 -19.62
C ARG A 13 -11.22 -26.74 -20.04
N GLU A 14 -11.74 -25.68 -20.66
CA GLU A 14 -10.90 -24.54 -21.03
C GLU A 14 -10.29 -23.88 -19.81
N ILE A 15 -11.11 -23.69 -18.77
CA ILE A 15 -10.66 -23.08 -17.52
C ILE A 15 -9.53 -23.91 -16.93
N ARG A 16 -9.73 -25.23 -16.85
CA ARG A 16 -8.72 -26.11 -16.29
C ARG A 16 -7.44 -26.06 -17.10
N ARG A 17 -7.57 -26.11 -18.43
CA ARG A 17 -6.39 -26.12 -19.29
C ARG A 17 -5.57 -24.86 -19.12
N TYR A 18 -6.22 -23.70 -19.12
CA TYR A 18 -5.46 -22.46 -19.01
C TYR A 18 -5.13 -22.09 -17.58
N GLN A 19 -5.67 -22.79 -16.59
CA GLN A 19 -5.22 -22.63 -15.22
C GLN A 19 -4.09 -23.58 -14.84
N LYS A 20 -3.87 -24.62 -15.64
CA LYS A 20 -2.71 -25.49 -15.47
C LYS A 20 -1.54 -25.06 -16.35
N SER A 21 -1.63 -23.93 -17.02
CA SER A 21 -0.59 -23.46 -17.93
C SER A 21 0.05 -22.18 -17.40
N THR A 22 1.23 -21.85 -17.95
CA THR A 22 2.01 -20.70 -17.50
C THR A 22 2.33 -19.68 -18.58
N GLU A 23 2.19 -20.02 -19.86
CA GLU A 23 2.67 -19.16 -20.93
C GLU A 23 1.85 -17.87 -21.01
N LEU A 24 2.23 -17.03 -21.96
CA LEU A 24 1.58 -15.74 -22.15
C LEU A 24 0.34 -15.92 -23.03
N LEU A 25 -0.83 -15.53 -22.50
CA LEU A 25 -2.08 -15.73 -23.22
C LEU A 25 -2.39 -14.60 -24.20
N ILE A 26 -1.64 -13.51 -24.17
CA ILE A 26 -1.80 -12.45 -25.14
C ILE A 26 -0.72 -12.61 -26.21
N ARG A 27 -1.04 -12.17 -27.42
CA ARG A 27 -0.09 -12.26 -28.53
C ARG A 27 0.98 -11.18 -28.38
N LYS A 28 2.24 -11.62 -28.37
CA LYS A 28 3.35 -10.77 -27.96
C LYS A 28 3.52 -9.57 -28.89
N LEU A 29 3.44 -9.79 -30.21
CA LEU A 29 3.68 -8.69 -31.13
C LEU A 29 2.61 -7.61 -31.02
N PRO A 30 1.31 -7.92 -31.07
CA PRO A 30 0.31 -6.85 -30.84
C PRO A 30 0.39 -6.24 -29.45
N PHE A 31 0.75 -7.01 -28.42
CA PHE A 31 0.92 -6.39 -27.11
C PHE A 31 2.04 -5.37 -27.12
N GLN A 32 3.17 -5.72 -27.75
CA GLN A 32 4.28 -4.78 -27.85
C GLN A 32 3.89 -3.55 -28.65
N ARG A 33 3.09 -3.73 -29.71
CA ARG A 33 2.61 -2.58 -30.46
C ARG A 33 1.74 -1.68 -29.58
N LEU A 34 0.89 -2.28 -28.74
CA LEU A 34 0.07 -1.50 -27.83
C LEU A 34 0.93 -0.74 -26.83
N VAL A 35 1.96 -1.39 -26.29
CA VAL A 35 2.85 -0.74 -25.33
C VAL A 35 3.57 0.44 -25.97
N ARG A 36 4.04 0.27 -27.20
CA ARG A 36 4.67 1.37 -27.91
C ARG A 36 3.69 2.50 -28.20
N GLU A 37 2.45 2.16 -28.56
CA GLU A 37 1.41 3.17 -28.73
C GLU A 37 1.18 3.97 -27.46
N ILE A 38 1.13 3.30 -26.31
CA ILE A 38 0.90 3.99 -25.05
C ILE A 38 2.09 4.88 -24.70
N ALA A 39 3.31 4.35 -24.86
CA ALA A 39 4.49 5.11 -24.49
C ALA A 39 4.78 6.26 -25.45
N GLN A 40 4.24 6.23 -26.66
CA GLN A 40 4.51 7.30 -27.62
C GLN A 40 3.99 8.65 -27.12
N ASP A 41 2.83 8.67 -26.48
CA ASP A 41 2.30 9.90 -25.90
C ASP A 41 3.18 10.44 -24.77
N PHE A 42 3.76 9.56 -23.96
CA PHE A 42 4.63 10.01 -22.88
C PHE A 42 5.95 10.55 -23.42
N LYS A 43 6.53 9.88 -24.40
CA LYS A 43 7.79 10.36 -24.98
C LYS A 43 7.96 9.82 -26.39
N THR A 44 8.18 10.72 -27.34
CA THR A 44 8.47 10.31 -28.71
C THR A 44 9.90 9.78 -28.80
N ASP A 45 10.12 8.90 -29.77
CA ASP A 45 11.40 8.21 -29.95
C ASP A 45 11.82 7.55 -28.64
N LEU A 46 11.04 6.54 -28.28
CA LEU A 46 11.31 5.73 -27.10
C LEU A 46 11.79 4.36 -27.53
N ARG A 47 12.87 3.90 -26.92
CA ARG A 47 13.36 2.55 -27.13
C ARG A 47 12.82 1.65 -26.03
N PHE A 48 13.10 0.36 -26.15
CA PHE A 48 12.54 -0.62 -25.24
C PHE A 48 13.46 -1.84 -25.22
N GLN A 49 13.28 -2.67 -24.22
CA GLN A 49 14.02 -3.92 -24.11
C GLN A 49 13.05 -5.09 -24.17
N SER A 50 13.53 -6.20 -24.73
CA SER A 50 12.71 -7.40 -24.80
C SER A 50 12.27 -7.84 -23.41
N SER A 51 13.20 -7.80 -22.46
CA SER A 51 12.86 -8.13 -21.08
C SER A 51 11.87 -7.15 -20.49
N ALA A 52 11.99 -5.86 -20.84
CA ALA A 52 11.03 -4.88 -20.34
C ALA A 52 9.63 -5.17 -20.85
N VAL A 53 9.49 -5.45 -22.15
CA VAL A 53 8.16 -5.73 -22.69
C VAL A 53 7.61 -7.02 -22.13
N MET A 54 8.46 -8.03 -21.96
CA MET A 54 8.02 -9.28 -21.34
C MET A 54 7.52 -9.04 -19.93
N ALA A 55 8.25 -8.23 -19.16
CA ALA A 55 7.85 -7.92 -17.79
C ALA A 55 6.52 -7.20 -17.75
N LEU A 56 6.35 -6.21 -18.63
CA LEU A 56 5.07 -5.50 -18.71
C LEU A 56 3.94 -6.47 -19.03
N GLN A 57 4.17 -7.40 -19.96
CA GLN A 57 3.12 -8.35 -20.32
C GLN A 57 2.77 -9.26 -19.16
N GLU A 58 3.75 -9.79 -18.45
CA GLU A 58 3.43 -10.64 -17.31
C GLU A 58 2.72 -9.87 -16.20
N ALA A 59 3.11 -8.63 -15.95
CA ALA A 59 2.41 -7.82 -14.96
C ALA A 59 0.95 -7.60 -15.36
N SER A 60 0.72 -7.16 -16.60
CA SER A 60 -0.64 -6.94 -17.06
C SER A 60 -1.47 -8.22 -17.06
N GLU A 61 -0.91 -9.35 -17.46
CA GLU A 61 -1.60 -10.61 -17.44
C GLU A 61 -1.98 -11.08 -16.04
N ALA A 62 -1.07 -10.99 -15.07
CA ALA A 62 -1.42 -11.37 -13.70
C ALA A 62 -2.46 -10.43 -13.12
N TYR A 63 -2.35 -9.13 -13.42
CA TYR A 63 -3.35 -8.17 -12.94
C TYR A 63 -4.72 -8.51 -13.50
N LEU A 64 -4.79 -8.81 -14.81
CA LEU A 64 -6.07 -9.18 -15.42
C LEU A 64 -6.61 -10.48 -14.85
N VAL A 65 -5.74 -11.47 -14.61
CA VAL A 65 -6.22 -12.72 -14.05
C VAL A 65 -6.79 -12.53 -12.65
N GLY A 66 -6.17 -11.69 -11.82
CA GLY A 66 -6.75 -11.39 -10.53
C GLY A 66 -8.05 -10.62 -10.60
N LEU A 67 -8.08 -9.61 -11.48
CA LEU A 67 -9.31 -8.85 -11.69
C LEU A 67 -10.45 -9.74 -12.13
N PHE A 68 -10.16 -10.75 -12.94
CA PHE A 68 -11.21 -11.65 -13.39
C PHE A 68 -11.68 -12.58 -12.27
N GLU A 69 -10.80 -12.98 -11.36
CA GLU A 69 -11.27 -13.70 -10.19
C GLU A 69 -12.22 -12.86 -9.37
N ASP A 70 -11.88 -11.59 -9.14
CA ASP A 70 -12.79 -10.72 -8.39
C ASP A 70 -14.09 -10.47 -9.14
N THR A 71 -14.03 -10.32 -10.47
CA THR A 71 -15.24 -10.15 -11.26
C THR A 71 -16.12 -11.38 -11.20
N ASN A 72 -15.54 -12.57 -11.27
CA ASN A 72 -16.31 -13.79 -11.09
C ASN A 72 -16.92 -13.88 -9.69
N LEU A 73 -16.20 -13.41 -8.67
CA LEU A 73 -16.77 -13.37 -7.33
C LEU A 73 -17.99 -12.46 -7.27
N CYS A 74 -17.91 -11.28 -7.89
CA CYS A 74 -19.07 -10.39 -7.95
C CYS A 74 -20.23 -11.04 -8.71
N ALA A 75 -19.95 -11.70 -9.84
CA ALA A 75 -21.00 -12.35 -10.60
C ALA A 75 -21.68 -13.45 -9.80
N ILE A 76 -20.91 -14.26 -9.08
CA ILE A 76 -21.50 -15.29 -8.23
C ILE A 76 -22.30 -14.65 -7.12
N HIS A 77 -21.85 -13.51 -6.60
CA HIS A 77 -22.61 -12.81 -5.56
C HIS A 77 -23.97 -12.38 -6.10
N ALA A 78 -24.01 -11.89 -7.32
CA ALA A 78 -25.29 -11.51 -7.91
C ALA A 78 -26.14 -12.69 -8.32
N LYS A 79 -25.77 -13.92 -7.95
CA LYS A 79 -26.47 -15.14 -8.35
C LYS A 79 -26.53 -15.26 -9.87
N ARG A 80 -25.33 -15.35 -10.46
CA ARG A 80 -25.17 -15.42 -11.90
C ARG A 80 -23.96 -16.27 -12.22
N VAL A 81 -23.79 -16.59 -13.50
CA VAL A 81 -22.60 -17.30 -13.96
C VAL A 81 -21.94 -16.50 -15.06
N THR A 82 -22.68 -15.56 -15.65
CA THR A 82 -22.15 -14.73 -16.72
C THR A 82 -21.57 -13.45 -16.12
N ILE A 83 -20.26 -13.26 -16.26
CA ILE A 83 -19.62 -12.06 -15.74
C ILE A 83 -19.96 -10.88 -16.63
N MET A 84 -20.10 -9.70 -16.04
CA MET A 84 -20.53 -8.52 -16.77
C MET A 84 -19.76 -7.27 -16.35
N PRO A 85 -19.84 -6.20 -17.15
CA PRO A 85 -19.24 -4.94 -16.74
C PRO A 85 -19.66 -4.47 -15.35
N LYS A 86 -20.87 -4.83 -14.92
CA LYS A 86 -21.27 -4.51 -13.56
C LYS A 86 -20.35 -5.17 -12.55
N ASP A 87 -20.05 -6.46 -12.76
CA ASP A 87 -19.14 -7.15 -11.86
C ASP A 87 -17.74 -6.56 -11.94
N ILE A 88 -17.26 -6.25 -13.14
CA ILE A 88 -15.94 -5.66 -13.27
C ILE A 88 -15.86 -4.34 -12.51
N GLN A 89 -16.87 -3.48 -12.68
CA GLN A 89 -16.88 -2.19 -12.02
C GLN A 89 -16.97 -2.32 -10.52
N LEU A 90 -17.79 -3.25 -10.02
CA LEU A 90 -17.86 -3.45 -8.58
C LEU A 90 -16.52 -3.91 -8.03
N ALA A 91 -15.87 -4.86 -8.71
CA ALA A 91 -14.58 -5.34 -8.23
C ALA A 91 -13.55 -4.22 -8.21
N ARG A 92 -13.47 -3.45 -9.30
CA ARG A 92 -12.50 -2.36 -9.36
C ARG A 92 -12.79 -1.28 -8.33
N ARG A 93 -14.05 -0.88 -8.13
CA ARG A 93 -14.38 0.10 -7.11
C ARG A 93 -14.03 -0.40 -5.71
N ILE A 94 -14.41 -1.63 -5.36
CA ILE A 94 -14.13 -2.08 -4.01
C ILE A 94 -12.63 -2.25 -3.80
N ARG A 95 -11.90 -2.66 -4.85
CA ARG A 95 -10.44 -2.70 -4.77
C ARG A 95 -9.85 -1.31 -4.58
N GLY A 96 -10.48 -0.29 -5.15
CA GLY A 96 -10.02 1.06 -5.00
C GLY A 96 -9.39 1.68 -6.23
N GLU A 97 -9.48 1.03 -7.39
CA GLU A 97 -8.90 1.59 -8.60
C GLU A 97 -9.81 2.60 -9.29
N ARG A 98 -11.04 2.76 -8.83
CA ARG A 98 -11.94 3.77 -9.40
C ARG A 98 -12.62 4.58 -8.30
N VAL B 1 1.04 0.16 -35.65
CA VAL B 1 2.30 0.71 -35.16
C VAL B 1 2.04 1.77 -34.11
N LEU B 2 1.21 2.74 -34.45
CA LEU B 2 0.90 3.81 -33.52
C LEU B 2 -0.58 4.17 -33.47
N ARG B 3 -1.46 3.45 -34.18
CA ARG B 3 -2.88 3.77 -34.19
C ARG B 3 -3.68 2.48 -34.05
N ASP B 4 -4.60 2.47 -33.10
CA ASP B 4 -5.55 1.38 -32.89
C ASP B 4 -4.82 0.04 -32.80
N ASN B 5 -4.01 -0.08 -31.75
CA ASN B 5 -3.35 -1.34 -31.42
C ASN B 5 -4.00 -2.03 -30.23
N ILE B 6 -4.97 -1.40 -29.58
CA ILE B 6 -5.65 -2.02 -28.46
C ILE B 6 -6.45 -3.24 -28.92
N GLN B 7 -7.00 -3.17 -30.14
CA GLN B 7 -7.74 -4.31 -30.68
C GLN B 7 -6.84 -5.51 -30.91
N GLY B 8 -5.53 -5.33 -30.86
CA GLY B 8 -4.63 -6.47 -30.86
C GLY B 8 -4.87 -7.42 -29.71
N ILE B 9 -5.46 -6.93 -28.62
CA ILE B 9 -5.95 -7.79 -27.55
C ILE B 9 -7.27 -8.35 -28.04
N THR B 10 -7.21 -9.49 -28.71
CA THR B 10 -8.36 -10.04 -29.41
C THR B 10 -9.34 -10.68 -28.44
N LYS B 11 -10.55 -10.94 -28.94
CA LYS B 11 -11.56 -11.63 -28.16
C LYS B 11 -11.10 -12.98 -27.62
N PRO B 12 -10.47 -13.87 -28.40
CA PRO B 12 -9.98 -15.12 -27.82
C PRO B 12 -8.96 -14.92 -26.72
N ALA B 13 -8.11 -13.89 -26.80
CA ALA B 13 -7.13 -13.65 -25.74
C ALA B 13 -7.82 -13.24 -24.44
N ILE B 14 -8.81 -12.36 -24.52
CA ILE B 14 -9.55 -11.94 -23.34
C ILE B 14 -10.30 -13.11 -22.75
N ARG B 15 -10.91 -13.94 -23.60
CA ARG B 15 -11.56 -15.14 -23.09
C ARG B 15 -10.57 -16.09 -22.43
N ARG B 16 -9.36 -16.21 -22.99
CA ARG B 16 -8.35 -17.06 -22.38
C ARG B 16 -7.95 -16.55 -21.00
N LEU B 17 -7.75 -15.24 -20.86
CA LEU B 17 -7.46 -14.66 -19.56
C LEU B 17 -8.60 -14.90 -18.58
N ALA B 18 -9.84 -14.78 -19.07
CA ALA B 18 -10.99 -15.07 -18.21
C ALA B 18 -11.02 -16.52 -17.77
N ARG B 19 -10.69 -17.45 -18.67
CA ARG B 19 -10.65 -18.85 -18.29
C ARG B 19 -9.59 -19.09 -17.23
N ARG B 20 -8.45 -18.42 -17.35
CA ARG B 20 -7.46 -18.50 -16.28
C ARG B 20 -8.00 -17.95 -14.97
N GLY B 21 -8.75 -16.85 -15.03
CA GLY B 21 -9.36 -16.29 -13.84
C GLY B 21 -10.32 -17.24 -13.17
N GLY B 22 -11.19 -17.86 -13.96
CA GLY B 22 -12.18 -18.78 -13.43
C GLY B 22 -13.55 -18.52 -14.03
N VAL B 23 -13.61 -17.56 -14.94
CA VAL B 23 -14.88 -17.17 -15.54
C VAL B 23 -15.45 -18.32 -16.35
N LYS B 24 -16.73 -18.61 -16.12
CA LYS B 24 -17.41 -19.69 -16.83
C LYS B 24 -18.14 -19.20 -18.08
N ARG B 25 -18.81 -18.06 -17.99
CA ARG B 25 -19.48 -17.47 -19.15
C ARG B 25 -19.16 -15.99 -19.21
N ILE B 26 -19.11 -15.46 -20.43
CA ILE B 26 -18.62 -14.10 -20.66
C ILE B 26 -19.69 -13.33 -21.42
N SER B 27 -20.01 -12.14 -20.93
CA SER B 27 -20.88 -11.23 -21.65
C SER B 27 -20.13 -10.59 -22.82
N GLY B 28 -20.89 -9.99 -23.73
CA GLY B 28 -20.31 -9.41 -24.93
C GLY B 28 -19.58 -8.10 -24.72
N LEU B 29 -19.87 -7.38 -23.64
CA LEU B 29 -19.22 -6.12 -23.35
C LEU B 29 -17.95 -6.29 -22.51
N ILE B 30 -17.71 -7.51 -22.01
CA ILE B 30 -16.54 -7.77 -21.18
C ILE B 30 -15.27 -7.47 -21.95
N TYR B 31 -15.25 -7.77 -23.25
CA TYR B 31 -14.04 -7.57 -24.03
C TYR B 31 -13.63 -6.10 -24.08
N GLU B 32 -14.57 -5.22 -24.41
CA GLU B 32 -14.27 -3.80 -24.43
C GLU B 32 -13.98 -3.25 -23.03
N GLU B 33 -14.69 -3.72 -22.01
CA GLU B 33 -14.39 -3.28 -20.65
C GLU B 33 -12.95 -3.64 -20.26
N THR B 34 -12.54 -4.88 -20.54
CA THR B 34 -11.19 -5.33 -20.21
C THR B 34 -10.16 -4.56 -21.02
N ARG B 35 -10.45 -4.28 -22.29
CA ARG B 35 -9.53 -3.51 -23.11
C ARG B 35 -9.29 -2.13 -22.52
N GLY B 36 -10.37 -1.46 -22.10
CA GLY B 36 -10.21 -0.16 -21.46
C GLY B 36 -9.44 -0.24 -20.16
N VAL B 37 -9.69 -1.28 -19.36
CA VAL B 37 -9.00 -1.45 -18.09
C VAL B 37 -7.49 -1.61 -18.33
N LEU B 38 -7.12 -2.46 -19.28
CA LEU B 38 -5.72 -2.65 -19.61
C LEU B 38 -5.09 -1.38 -20.14
N LYS B 39 -5.83 -0.64 -20.97
CA LYS B 39 -5.31 0.63 -21.46
C LYS B 39 -4.94 1.55 -20.31
N VAL B 40 -5.84 1.71 -19.34
CA VAL B 40 -5.55 2.60 -18.22
C VAL B 40 -4.38 2.07 -17.37
N PHE B 41 -4.37 0.77 -17.06
CA PHE B 41 -3.30 0.22 -16.21
C PHE B 41 -1.94 0.38 -16.87
N LEU B 42 -1.85 0.04 -18.16
CA LEU B 42 -0.60 0.21 -18.88
C LEU B 42 -0.22 1.68 -18.97
N GLU B 43 -1.19 2.57 -19.15
CA GLU B 43 -0.88 3.99 -19.13
C GLU B 43 -0.16 4.38 -17.85
N ASN B 44 -0.72 3.98 -16.70
CA ASN B 44 -0.10 4.34 -15.42
C ASN B 44 1.31 3.75 -15.29
N VAL B 45 1.44 2.44 -15.52
CA VAL B 45 2.73 1.79 -15.31
C VAL B 45 3.78 2.34 -16.25
N ILE B 46 3.42 2.53 -17.53
CA ILE B 46 4.37 3.03 -18.51
C ILE B 46 4.74 4.48 -18.21
N ARG B 47 3.81 5.27 -17.70
CA ARG B 47 4.16 6.63 -17.28
C ARG B 47 5.21 6.61 -16.19
N ASP B 48 5.00 5.76 -15.18
CA ASP B 48 5.99 5.69 -14.10
C ASP B 48 7.34 5.23 -14.62
N ALA B 49 7.35 4.24 -15.52
CA ALA B 49 8.63 3.74 -16.06
C ALA B 49 9.32 4.78 -16.92
N VAL B 50 8.56 5.55 -17.70
CA VAL B 50 9.16 6.59 -18.54
C VAL B 50 9.77 7.68 -17.68
N THR B 51 9.10 8.05 -16.57
CA THR B 51 9.71 9.00 -15.66
C THR B 51 10.98 8.43 -15.03
N TYR B 52 10.93 7.17 -14.58
CA TYR B 52 12.11 6.52 -14.02
C TYR B 52 13.26 6.43 -15.01
N THR B 53 12.97 6.38 -16.31
CA THR B 53 13.98 6.41 -17.36
C THR B 53 14.51 7.80 -17.61
N GLU B 54 13.62 8.79 -17.72
CA GLU B 54 14.05 10.16 -17.98
C GLU B 54 14.93 10.69 -16.86
N HIS B 55 14.74 10.20 -15.63
CA HIS B 55 15.63 10.62 -14.55
C HIS B 55 17.07 10.19 -14.83
N ALA B 56 17.25 8.98 -15.35
CA ALA B 56 18.59 8.43 -15.60
C ALA B 56 19.18 9.00 -16.88
N LYS B 57 18.44 9.88 -17.55
CA LYS B 57 18.82 10.46 -18.84
C LYS B 57 19.02 9.39 -19.91
N ARG B 58 18.45 8.21 -19.70
CA ARG B 58 18.52 7.12 -20.66
C ARG B 58 17.45 7.29 -21.73
N LYS B 59 17.61 6.54 -22.83
CA LYS B 59 16.62 6.51 -23.91
C LYS B 59 16.02 5.14 -24.10
N THR B 60 16.36 4.17 -23.24
CA THR B 60 15.88 2.81 -23.35
C THR B 60 15.18 2.40 -22.07
N VAL B 61 13.94 1.96 -22.19
CA VAL B 61 13.20 1.44 -21.04
C VAL B 61 13.68 0.02 -20.75
N THR B 62 14.09 -0.23 -19.53
CA THR B 62 14.68 -1.50 -19.16
C THR B 62 13.84 -2.21 -18.11
N ALA B 63 14.20 -3.46 -17.86
CA ALA B 63 13.54 -4.22 -16.80
C ALA B 63 13.70 -3.55 -15.45
N MET B 64 14.82 -2.86 -15.23
CA MET B 64 15.00 -2.11 -13.99
C MET B 64 13.94 -1.02 -13.87
N ASP B 65 13.77 -0.22 -14.92
CA ASP B 65 12.79 0.85 -14.89
C ASP B 65 11.37 0.30 -14.71
N VAL B 66 11.04 -0.78 -15.42
CA VAL B 66 9.70 -1.38 -15.31
C VAL B 66 9.45 -1.92 -13.92
N VAL B 67 10.44 -2.60 -13.34
CA VAL B 67 10.26 -3.18 -12.00
C VAL B 67 10.15 -2.09 -10.95
N TYR B 68 10.94 -1.01 -11.09
CA TYR B 68 10.79 0.10 -10.15
C TYR B 68 9.41 0.72 -10.26
N ALA B 69 8.96 0.96 -11.49
CA ALA B 69 7.64 1.57 -11.69
C ALA B 69 6.54 0.69 -11.13
N LEU B 70 6.65 -0.62 -11.29
CA LEU B 70 5.61 -1.51 -10.78
C LEU B 70 5.68 -1.65 -9.27
N LYS B 71 6.89 -1.66 -8.70
CA LYS B 71 7.02 -1.79 -7.25
C LYS B 71 6.51 -0.56 -6.52
N ARG B 72 6.71 0.63 -7.10
CA ARG B 72 6.20 1.80 -6.40
C ARG B 72 4.68 1.93 -6.49
N GLN B 73 3.99 0.92 -7.03
CA GLN B 73 2.53 0.90 -7.05
C GLN B 73 1.99 -0.29 -6.26
N GLY B 74 2.84 -0.96 -5.48
CA GLY B 74 2.39 -2.07 -4.68
C GLY B 74 2.64 -3.41 -5.33
N ARG B 75 2.48 -3.46 -6.65
CA ARG B 75 2.62 -4.71 -7.41
C ARG B 75 4.09 -4.94 -7.73
N THR B 76 4.80 -5.55 -6.78
CA THR B 76 6.20 -5.89 -7.01
C THR B 76 6.29 -7.00 -8.06
N LEU B 77 7.28 -6.89 -8.95
CA LEU B 77 7.48 -7.83 -10.04
C LEU B 77 8.85 -8.49 -9.88
N TYR B 78 8.84 -9.80 -9.69
CA TYR B 78 10.07 -10.58 -9.54
C TYR B 78 10.50 -11.17 -10.88
N GLY B 79 11.75 -11.63 -10.92
CA GLY B 79 12.28 -12.33 -12.06
C GLY B 79 13.04 -11.47 -13.05
N PHE B 80 12.91 -10.15 -12.98
CA PHE B 80 13.58 -9.25 -13.92
C PHE B 80 14.60 -8.36 -13.21
N GLY B 81 15.25 -8.88 -12.19
CA GLY B 81 16.25 -8.14 -11.45
C GLY B 81 15.66 -7.44 -10.23
N GLY B 82 16.55 -6.78 -9.49
CA GLY B 82 16.17 -6.08 -8.29
C GLY B 82 16.19 -6.98 -7.06
N ALA C 1 22.76 38.58 8.41
CA ALA C 1 22.27 37.24 8.11
C ALA C 1 20.98 37.31 7.27
N LYS C 2 21.09 36.87 6.02
CA LYS C 2 19.96 36.85 5.10
C LYS C 2 19.41 35.42 5.01
N SER C 3 18.13 35.27 5.31
CA SER C 3 17.50 33.96 5.35
C SER C 3 17.22 33.46 3.93
N ARG C 4 17.55 32.20 3.68
CA ARG C 4 17.29 31.61 2.37
C ARG C 4 15.80 31.58 2.05
N SER C 5 14.96 31.42 3.08
CA SER C 5 13.53 31.43 2.85
C SER C 5 13.07 32.76 2.28
N SER C 6 13.55 33.86 2.86
CA SER C 6 13.19 35.18 2.35
C SER C 6 13.83 35.46 0.99
N ARG C 7 15.06 34.98 0.80
CA ARG C 7 15.74 35.20 -0.47
C ARG C 7 15.04 34.46 -1.61
N ALA C 8 14.46 33.30 -1.33
CA ALA C 8 13.79 32.52 -2.36
C ALA C 8 12.33 32.95 -2.54
N GLY C 9 11.66 33.31 -1.45
CA GLY C 9 10.25 33.60 -1.48
C GLY C 9 9.37 32.61 -0.73
N LEU C 10 9.95 31.70 0.03
CA LEU C 10 9.21 30.67 0.73
C LEU C 10 8.88 31.09 2.15
N GLN C 11 8.07 30.26 2.81
CA GLN C 11 7.72 30.46 4.22
C GLN C 11 8.04 29.28 5.15
N PHE C 12 8.58 28.15 4.65
CA PHE C 12 8.86 26.93 5.36
C PHE C 12 10.34 26.86 5.73
N PRO C 13 10.69 25.91 6.49
CA PRO C 13 12.06 25.94 7.12
C PRO C 13 13.19 25.46 6.21
N VAL C 14 13.74 26.32 5.38
CA VAL C 14 14.80 25.86 4.48
C VAL C 14 15.92 25.23 5.29
N GLY C 15 16.34 25.92 6.35
CA GLY C 15 17.46 25.43 7.14
C GLY C 15 17.13 24.19 7.95
N ARG C 16 16.01 24.22 8.66
CA ARG C 16 15.66 23.05 9.47
C ARG C 16 15.32 21.85 8.60
N VAL C 17 14.76 22.09 7.41
CA VAL C 17 14.49 21.02 6.47
C VAL C 17 15.80 20.42 5.96
N HIS C 18 16.79 21.27 5.68
CA HIS C 18 18.12 20.76 5.34
C HIS C 18 18.69 19.92 6.47
N ARG C 19 18.55 20.39 7.71
CA ARG C 19 19.06 19.65 8.85
C ARG C 19 18.35 18.32 9.03
N LEU C 20 17.03 18.29 8.85
CA LEU C 20 16.28 17.05 8.94
C LEU C 20 16.62 16.09 7.81
N LEU C 21 16.89 16.63 6.62
CA LEU C 21 17.34 15.80 5.50
C LEU C 21 18.69 15.16 5.82
N ARG C 22 19.63 15.95 6.32
CA ARG C 22 20.95 15.41 6.64
C ARG C 22 20.89 14.41 7.79
N LYS C 23 20.12 14.70 8.84
CA LYS C 23 19.98 13.78 9.95
C LYS C 23 19.03 12.63 9.64
N GLY C 24 18.11 12.82 8.70
CA GLY C 24 17.20 11.77 8.31
C GLY C 24 17.83 10.61 7.57
N ASN C 25 19.09 10.74 7.17
CA ASN C 25 19.85 9.68 6.52
C ASN C 25 19.18 9.26 5.21
N TYR C 26 19.01 10.26 4.33
CA TYR C 26 18.47 10.01 3.01
C TYR C 26 19.53 9.97 1.93
N ALA C 27 20.71 10.56 2.18
CA ALA C 27 21.84 10.47 1.28
C ALA C 27 23.08 10.95 2.02
N GLU C 28 24.24 10.49 1.57
CA GLU C 28 25.50 10.93 2.16
C GLU C 28 25.65 12.44 2.07
N ARG C 29 25.18 13.02 0.97
CA ARG C 29 25.20 14.46 0.76
C ARG C 29 23.80 14.93 0.41
N VAL C 30 23.58 16.24 0.54
CA VAL C 30 22.30 16.85 0.20
C VAL C 30 22.55 18.17 -0.52
N GLY C 31 21.97 18.32 -1.69
CA GLY C 31 22.21 19.51 -2.49
C GLY C 31 21.64 20.75 -1.87
N ALA C 32 22.17 21.89 -2.32
CA ALA C 32 21.72 23.18 -1.81
C ALA C 32 20.32 23.54 -2.29
N GLY C 33 19.92 23.06 -3.47
CA GLY C 33 18.59 23.26 -3.99
C GLY C 33 17.60 22.20 -3.56
N ALA C 34 18.07 21.14 -2.92
CA ALA C 34 17.17 20.12 -2.38
C ALA C 34 16.19 20.67 -1.37
N PRO C 35 16.61 21.37 -0.34
CA PRO C 35 15.61 21.82 0.62
C PRO C 35 14.70 22.91 0.12
N VAL C 36 15.19 23.70 -0.81
CA VAL C 36 14.40 24.74 -1.42
C VAL C 36 13.26 24.14 -2.22
N TYR C 37 13.58 23.13 -3.04
CA TYR C 37 12.54 22.41 -3.75
C TYR C 37 11.57 21.75 -2.78
N MET C 38 12.09 21.06 -1.76
CA MET C 38 11.21 20.33 -0.84
C MET C 38 10.33 21.27 -0.02
N ALA C 39 10.88 22.38 0.48
CA ALA C 39 10.11 23.36 1.20
C ALA C 39 9.07 24.03 0.32
N ALA C 40 9.42 24.34 -0.93
CA ALA C 40 8.42 24.91 -1.83
C ALA C 40 7.28 23.93 -2.06
N VAL C 41 7.60 22.65 -2.26
CA VAL C 41 6.57 21.65 -2.52
C VAL C 41 5.67 21.49 -1.29
N LEU C 42 6.27 21.37 -0.11
CA LEU C 42 5.50 21.22 1.12
C LEU C 42 4.63 22.44 1.40
N GLU C 43 5.15 23.64 1.17
CA GLU C 43 4.35 24.84 1.36
C GLU C 43 3.19 24.92 0.37
N TYR C 44 3.41 24.54 -0.89
CA TYR C 44 2.31 24.52 -1.84
C TYR C 44 1.24 23.50 -1.45
N LEU C 45 1.65 22.31 -1.02
CA LEU C 45 0.68 21.31 -0.60
C LEU C 45 -0.08 21.79 0.63
N THR C 46 0.58 22.50 1.54
CA THR C 46 -0.13 23.08 2.68
C THR C 46 -1.13 24.15 2.23
N ALA C 47 -0.72 25.03 1.32
CA ALA C 47 -1.55 26.14 0.89
C ALA C 47 -2.70 25.70 0.00
N GLU C 48 -2.66 24.49 -0.53
CA GLU C 48 -3.80 23.93 -1.24
C GLU C 48 -4.86 23.40 -0.29
N ILE C 49 -4.48 22.53 0.64
CA ILE C 49 -5.44 21.99 1.61
C ILE C 49 -6.01 23.10 2.49
N LEU C 50 -5.16 24.04 2.91
CA LEU C 50 -5.63 25.13 3.76
C LEU C 50 -6.66 25.98 3.05
N GLU C 51 -6.40 26.32 1.78
CA GLU C 51 -7.37 27.10 1.02
C GLU C 51 -8.67 26.34 0.83
N LEU C 52 -8.58 25.05 0.52
CA LEU C 52 -9.80 24.29 0.28
C LEU C 52 -10.62 24.14 1.57
N ALA C 53 -9.94 23.90 2.70
CA ALA C 53 -10.65 23.80 3.98
C ALA C 53 -11.22 25.14 4.41
N GLY C 54 -10.55 26.24 4.07
CA GLY C 54 -11.14 27.55 4.31
C GLY C 54 -12.39 27.78 3.48
N ASN C 55 -12.38 27.32 2.23
CA ASN C 55 -13.60 27.39 1.43
C ASN C 55 -14.72 26.56 2.06
N ALA C 56 -14.39 25.36 2.54
CA ALA C 56 -15.38 24.52 3.20
C ALA C 56 -15.95 25.19 4.43
N ALA C 57 -15.09 25.82 5.23
CA ALA C 57 -15.55 26.54 6.42
C ALA C 57 -16.43 27.71 6.05
N ARG C 58 -16.05 28.48 5.02
CA ARG C 58 -16.85 29.63 4.62
C ARG C 58 -18.22 29.19 4.13
N ASP C 59 -18.29 28.05 3.43
CA ASP C 59 -19.60 27.53 3.05
C ASP C 59 -20.43 27.10 4.25
N ASN C 60 -19.82 26.93 5.42
CA ASN C 60 -20.52 26.58 6.64
C ASN C 60 -20.74 27.79 7.55
N LYS C 61 -20.50 29.01 7.05
CA LYS C 61 -20.64 30.24 7.81
C LYS C 61 -19.76 30.27 9.05
N LYS C 62 -18.61 29.62 9.00
CA LYS C 62 -17.66 29.59 10.11
C LYS C 62 -16.40 30.34 9.74
N THR C 63 -15.55 30.59 10.75
CA THR C 63 -14.29 31.29 10.52
C THR C 63 -13.15 30.66 11.31
N ARG C 64 -13.26 29.41 11.73
CA ARG C 64 -12.19 28.71 12.45
C ARG C 64 -12.13 27.29 11.91
N ILE C 65 -11.14 27.03 11.05
CA ILE C 65 -10.98 25.74 10.38
C ILE C 65 -10.83 24.64 11.41
N ILE C 66 -11.70 23.64 11.33
CA ILE C 66 -11.64 22.48 12.20
C ILE C 66 -11.35 21.27 11.33
N PRO C 67 -11.08 20.09 11.89
CA PRO C 67 -10.78 18.93 11.04
C PRO C 67 -11.91 18.54 10.08
N ARG C 68 -13.15 18.84 10.43
CA ARG C 68 -14.25 18.54 9.52
C ARG C 68 -14.09 19.29 8.21
N HIS C 69 -13.68 20.55 8.27
CA HIS C 69 -13.46 21.31 7.04
C HIS C 69 -12.33 20.73 6.23
N LEU C 70 -11.24 20.32 6.89
CA LEU C 70 -10.13 19.71 6.16
C LEU C 70 -10.58 18.45 5.42
N GLN C 71 -11.32 17.57 6.10
CA GLN C 71 -11.74 16.33 5.44
C GLN C 71 -12.77 16.61 4.34
N LEU C 72 -13.68 17.55 4.58
CA LEU C 72 -14.62 17.93 3.52
C LEU C 72 -13.92 18.51 2.31
N ALA C 73 -12.79 19.19 2.50
CA ALA C 73 -12.01 19.66 1.36
C ALA C 73 -11.29 18.52 0.65
N ILE C 74 -10.64 17.65 1.42
CA ILE C 74 -9.80 16.62 0.84
C ILE C 74 -10.63 15.59 0.10
N ARG C 75 -11.71 15.11 0.71
CA ARG C 75 -12.54 14.08 0.08
C ARG C 75 -13.46 14.65 -1.01
N ASN C 76 -13.59 15.97 -1.11
CA ASN C 76 -14.35 16.58 -2.19
C ASN C 76 -13.48 16.97 -3.38
N ASP C 77 -12.19 17.21 -3.17
CA ASP C 77 -11.30 17.45 -4.29
C ASP C 77 -10.74 16.12 -4.79
N GLU C 78 -10.74 15.95 -6.12
CA GLU C 78 -10.42 14.65 -6.69
C GLU C 78 -8.94 14.33 -6.55
N GLU C 79 -8.08 15.35 -6.57
CA GLU C 79 -6.64 15.09 -6.54
C GLU C 79 -6.14 14.77 -5.14
N LEU C 80 -6.46 15.62 -4.17
CA LEU C 80 -6.02 15.36 -2.80
C LEU C 80 -6.63 14.11 -2.21
N ASN C 81 -7.83 13.72 -2.62
CA ASN C 81 -8.37 12.43 -2.20
C ASN C 81 -7.56 11.28 -2.75
N LYS C 82 -7.09 11.39 -3.99
CA LYS C 82 -6.21 10.37 -4.55
C LYS C 82 -4.89 10.32 -3.80
N LEU C 83 -4.33 11.49 -3.49
CA LEU C 83 -3.06 11.56 -2.78
C LEU C 83 -3.17 10.96 -1.39
N LEU C 84 -4.28 11.23 -0.69
CA LEU C 84 -4.49 10.80 0.68
C LEU C 84 -5.58 9.73 0.79
N GLY C 85 -5.60 8.80 -0.17
CA GLY C 85 -6.63 7.79 -0.18
C GLY C 85 -6.55 6.82 0.98
N LYS C 86 -5.36 6.63 1.56
CA LYS C 86 -5.20 5.72 2.68
C LYS C 86 -4.99 6.46 4.00
N VAL C 87 -5.45 7.69 4.07
CA VAL C 87 -5.22 8.57 5.21
C VAL C 87 -6.51 8.72 5.99
N THR C 88 -6.42 8.54 7.32
CA THR C 88 -7.54 8.79 8.23
C THR C 88 -7.36 10.17 8.85
N ILE C 89 -8.42 10.95 8.87
CA ILE C 89 -8.39 12.30 9.42
C ILE C 89 -9.28 12.34 10.65
N ALA C 90 -8.71 12.78 11.77
CA ALA C 90 -9.45 12.79 13.03
C ALA C 90 -10.57 13.83 13.00
N GLN C 91 -11.68 13.50 13.67
CA GLN C 91 -12.77 14.45 13.92
C GLN C 91 -13.27 15.09 12.63
N GLY C 92 -13.25 14.33 11.55
CA GLY C 92 -13.67 14.87 10.27
C GLY C 92 -14.93 14.24 9.72
N GLY C 93 -15.21 13.00 10.13
CA GLY C 93 -16.39 12.33 9.64
C GLY C 93 -16.23 11.84 8.21
N VAL C 94 -17.36 11.74 7.53
CA VAL C 94 -17.43 11.26 6.15
C VAL C 94 -18.18 12.28 5.31
N LEU C 95 -18.15 12.07 4.00
CA LEU C 95 -18.84 12.94 3.06
C LEU C 95 -20.33 12.62 3.04
N PRO C 96 -21.17 13.61 2.78
CA PRO C 96 -22.61 13.34 2.65
C PRO C 96 -22.98 12.77 1.28
N ASN C 97 -23.37 11.51 1.22
CA ASN C 97 -23.85 10.92 -0.03
C ASN C 97 -24.84 9.81 0.27
N ILE C 98 -25.77 9.57 -0.65
CA ILE C 98 -26.77 8.52 -0.52
C ILE C 98 -26.88 7.79 -1.85
N GLN C 99 -27.06 6.48 -1.80
CA GLN C 99 -27.29 5.70 -3.01
C GLN C 99 -28.71 5.93 -3.51
N ALA C 100 -28.85 6.11 -4.82
CA ALA C 100 -30.15 6.41 -5.40
C ALA C 100 -31.14 5.26 -5.24
N VAL C 101 -30.65 4.04 -5.04
CA VAL C 101 -31.54 2.90 -4.88
C VAL C 101 -32.38 3.05 -3.62
N LEU C 102 -31.77 3.49 -2.52
CA LEU C 102 -32.44 3.55 -1.24
C LEU C 102 -33.38 4.74 -1.09
N LEU C 103 -33.25 5.77 -1.93
CA LEU C 103 -34.13 6.92 -1.83
C LEU C 103 -35.55 6.53 -2.26
N PRO C 104 -36.57 7.10 -1.62
CA PRO C 104 -37.95 6.76 -2.00
C PRO C 104 -38.28 7.25 -3.40
N LYS C 105 -39.19 6.54 -4.06
CA LYS C 105 -39.60 6.87 -5.42
C LYS C 105 -40.29 8.23 -5.47
N ARG D 1 10.24 22.27 30.11
CA ARG D 1 10.82 20.99 29.74
C ARG D 1 11.58 21.09 28.41
N SER D 2 11.42 20.09 27.56
CA SER D 2 12.10 20.06 26.28
C SER D 2 11.54 21.12 25.34
N ARG D 3 12.33 21.44 24.33
CA ARG D 3 11.89 22.29 23.24
C ARG D 3 11.40 21.40 22.11
N LYS D 4 10.11 21.47 21.80
CA LYS D 4 9.52 20.73 20.70
C LYS D 4 9.36 21.65 19.49
N GLU D 5 9.46 21.06 18.31
CA GLU D 5 9.45 21.82 17.07
C GLU D 5 8.32 21.34 16.17
N SER D 6 7.91 22.23 15.26
CA SER D 6 6.82 21.94 14.34
C SER D 6 6.86 22.89 13.16
N TYR D 7 5.79 22.90 12.37
CA TYR D 7 5.67 23.83 11.25
C TYR D 7 4.53 24.82 11.47
N SER D 8 4.16 25.02 12.73
CA SER D 8 2.94 25.75 13.04
C SER D 8 3.02 27.22 12.64
N VAL D 9 4.14 27.88 12.90
CA VAL D 9 4.24 29.31 12.58
C VAL D 9 4.21 29.54 11.08
N TYR D 10 4.91 28.71 10.32
CA TYR D 10 4.91 28.83 8.86
C TYR D 10 3.52 28.54 8.29
N VAL D 11 2.86 27.51 8.83
CA VAL D 11 1.49 27.23 8.40
C VAL D 11 0.61 28.42 8.67
N TYR D 12 0.78 29.04 9.84
CA TYR D 12 -0.02 30.20 10.19
C TYR D 12 0.25 31.37 9.26
N LYS D 13 1.51 31.59 8.89
CA LYS D 13 1.82 32.70 8.00
C LYS D 13 1.21 32.49 6.62
N VAL D 14 1.34 31.27 6.06
CA VAL D 14 0.75 31.03 4.75
C VAL D 14 -0.78 31.06 4.85
N LEU D 15 -1.34 30.67 5.99
CA LEU D 15 -2.78 30.69 6.17
C LEU D 15 -3.31 32.11 6.25
N LYS D 16 -2.55 33.00 6.90
CA LYS D 16 -2.94 34.41 6.91
C LYS D 16 -2.76 35.03 5.53
N GLN D 17 -1.76 34.58 4.77
CA GLN D 17 -1.59 35.08 3.41
C GLN D 17 -2.74 34.66 2.50
N VAL D 18 -3.21 33.42 2.62
CA VAL D 18 -4.22 32.91 1.69
C VAL D 18 -5.64 33.22 2.17
N HIS D 19 -5.85 33.30 3.47
CA HIS D 19 -7.16 33.55 4.08
C HIS D 19 -6.99 34.64 5.13
N PRO D 20 -6.98 35.91 4.73
CA PRO D 20 -6.66 36.99 5.66
C PRO D 20 -7.77 37.35 6.65
N ASP D 21 -8.86 36.57 6.72
CA ASP D 21 -9.92 36.85 7.66
C ASP D 21 -10.46 35.62 8.39
N THR D 22 -9.92 34.44 8.13
CA THR D 22 -10.40 33.20 8.75
C THR D 22 -9.30 32.59 9.60
N GLY D 23 -9.71 31.72 10.52
CA GLY D 23 -8.78 31.13 11.47
C GLY D 23 -8.66 29.63 11.36
N ILE D 24 -8.02 29.02 12.35
CA ILE D 24 -7.75 27.59 12.35
C ILE D 24 -7.69 27.10 13.80
N SER D 25 -8.17 25.89 14.03
CA SER D 25 -8.22 25.37 15.38
C SER D 25 -6.92 24.66 15.74
N SER D 26 -6.75 24.34 17.01
CA SER D 26 -5.58 23.64 17.50
C SER D 26 -5.61 22.14 17.18
N LYS D 27 -6.72 21.66 16.61
CA LYS D 27 -6.78 20.31 16.06
C LYS D 27 -6.43 20.27 14.57
N ALA D 28 -6.90 21.25 13.80
CA ALA D 28 -6.42 21.40 12.44
C ALA D 28 -4.95 21.78 12.39
N MET D 29 -4.44 22.49 13.39
CA MET D 29 -3.02 22.76 13.51
C MET D 29 -2.22 21.54 13.99
N GLY D 30 -2.90 20.51 14.47
CA GLY D 30 -2.23 19.27 14.79
C GLY D 30 -2.34 18.29 13.64
N ILE D 31 -3.27 18.58 12.73
CA ILE D 31 -3.42 17.81 11.49
C ILE D 31 -2.43 18.28 10.43
N MET D 32 -2.26 19.60 10.30
CA MET D 32 -1.36 20.13 9.28
C MET D 32 0.09 19.73 9.52
N ASN D 33 0.51 19.68 10.78
CA ASN D 33 1.86 19.22 11.07
C ASN D 33 2.06 17.78 10.61
N SER D 34 1.10 16.90 10.91
CA SER D 34 1.22 15.52 10.49
C SER D 34 1.19 15.40 8.97
N PHE D 35 0.37 16.22 8.30
CA PHE D 35 0.34 16.22 6.85
C PHE D 35 1.70 16.60 6.28
N VAL D 36 2.29 17.68 6.80
CA VAL D 36 3.58 18.14 6.29
C VAL D 36 4.64 17.08 6.52
N ASN D 37 4.66 16.48 7.70
CA ASN D 37 5.65 15.45 7.98
C ASN D 37 5.46 14.20 7.15
N ASP D 38 4.22 13.79 6.89
CA ASP D 38 3.98 12.61 6.06
C ASP D 38 4.43 12.86 4.63
N ILE D 39 4.10 14.01 4.06
CA ILE D 39 4.55 14.32 2.71
C ILE D 39 6.08 14.42 2.67
N PHE D 40 6.67 14.99 3.72
CA PHE D 40 8.12 15.06 3.79
C PHE D 40 8.74 13.68 3.74
N GLU D 41 8.23 12.76 4.57
CA GLU D 41 8.74 11.39 4.56
C GLU D 41 8.57 10.76 3.19
N ARG D 42 7.40 10.95 2.56
CA ARG D 42 7.14 10.40 1.23
C ARG D 42 8.20 10.84 0.24
N ILE D 43 8.29 12.16 0.01
CA ILE D 43 9.18 12.67 -1.02
C ILE D 43 10.64 12.42 -0.68
N ALA D 44 11.01 12.48 0.59
CA ALA D 44 12.39 12.23 0.98
C ALA D 44 12.78 10.78 0.70
N GLY D 45 11.93 9.83 1.06
CA GLY D 45 12.21 8.43 0.75
C GLY D 45 12.28 8.17 -0.74
N GLU D 46 11.36 8.76 -1.50
CA GLU D 46 11.38 8.55 -2.94
C GLU D 46 12.66 9.11 -3.55
N ALA D 47 13.05 10.32 -3.14
CA ALA D 47 14.28 10.90 -3.66
C ALA D 47 15.50 10.11 -3.25
N SER D 48 15.51 9.55 -2.03
CA SER D 48 16.62 8.72 -1.61
C SER D 48 16.75 7.49 -2.48
N ARG D 49 15.62 6.81 -2.73
CA ARG D 49 15.67 5.63 -3.60
C ARG D 49 16.04 6.01 -5.02
N LEU D 50 15.55 7.16 -5.50
CA LEU D 50 15.88 7.62 -6.84
C LEU D 50 17.36 7.90 -7.00
N ALA D 51 17.98 8.54 -6.01
CA ALA D 51 19.42 8.79 -6.06
C ALA D 51 20.22 7.51 -5.89
N HIS D 52 19.74 6.57 -5.08
CA HIS D 52 20.45 5.31 -4.93
C HIS D 52 20.32 4.42 -6.16
N TYR D 53 19.27 4.59 -6.97
CA TYR D 53 19.13 3.82 -8.20
C TYR D 53 20.22 4.18 -9.20
N ASN D 54 20.45 5.48 -9.39
CA ASN D 54 21.41 5.94 -10.39
C ASN D 54 22.84 5.90 -9.87
N LYS D 55 23.04 5.25 -8.72
CA LYS D 55 24.33 5.21 -8.06
C LYS D 55 24.90 6.61 -7.87
N ARG D 56 24.03 7.52 -7.46
CA ARG D 56 24.41 8.88 -7.10
C ARG D 56 24.56 8.98 -5.59
N SER D 57 25.43 9.91 -5.18
CA SER D 57 25.74 10.08 -3.77
C SER D 57 24.93 11.20 -3.11
N THR D 58 24.53 12.21 -3.86
CA THR D 58 23.88 13.39 -3.33
C THR D 58 22.44 13.47 -3.82
N ILE D 59 21.49 13.64 -2.89
CA ILE D 59 20.15 14.04 -3.26
C ILE D 59 20.19 15.46 -3.81
N THR D 60 19.56 15.67 -4.95
CA THR D 60 19.65 16.95 -5.65
C THR D 60 18.24 17.36 -6.04
N SER D 61 18.09 18.63 -6.44
CA SER D 61 16.80 19.14 -6.88
C SER D 61 16.21 18.28 -8.00
N ARG D 62 17.06 17.68 -8.83
CA ARG D 62 16.55 16.82 -9.89
C ARG D 62 15.89 15.57 -9.33
N GLU D 63 16.51 14.92 -8.35
CA GLU D 63 15.87 13.79 -7.69
C GLU D 63 14.62 14.21 -6.91
N ILE D 64 14.60 15.40 -6.32
CA ILE D 64 13.39 15.88 -5.66
C ILE D 64 12.27 16.09 -6.69
N GLN D 65 12.60 16.66 -7.85
CA GLN D 65 11.64 16.83 -8.92
C GLN D 65 11.08 15.49 -9.37
N THR D 66 11.96 14.51 -9.54
CA THR D 66 11.49 13.19 -9.97
C THR D 66 10.61 12.54 -8.92
N ALA D 67 10.97 12.68 -7.64
CA ALA D 67 10.14 12.12 -6.58
C ALA D 67 8.77 12.78 -6.55
N VAL D 68 8.73 14.09 -6.74
CA VAL D 68 7.43 14.78 -6.81
C VAL D 68 6.62 14.27 -7.99
N ARG D 69 7.27 14.10 -9.14
CA ARG D 69 6.61 13.63 -10.35
C ARG D 69 6.06 12.23 -10.17
N LEU D 70 6.73 11.41 -9.38
CA LEU D 70 6.28 10.04 -9.14
C LEU D 70 5.31 9.91 -7.98
N LEU D 71 5.21 10.91 -7.10
CA LEU D 71 4.28 10.83 -5.99
C LEU D 71 2.98 11.61 -6.18
N LEU D 72 2.99 12.66 -6.97
CA LEU D 72 1.74 13.41 -7.03
C LEU D 72 1.05 13.18 -8.35
N PRO D 73 -0.28 13.12 -8.37
CA PRO D 73 -1.01 12.87 -9.60
C PRO D 73 -1.44 14.15 -10.32
N GLY D 74 -1.26 14.12 -11.64
CA GLY D 74 -1.78 15.17 -12.50
C GLY D 74 -1.34 16.59 -12.17
N GLU D 75 -2.32 17.48 -12.00
CA GLU D 75 -2.04 18.87 -11.72
C GLU D 75 -1.35 19.07 -10.38
N LEU D 76 -1.55 18.18 -9.42
CA LEU D 76 -0.78 18.24 -8.18
C LEU D 76 0.72 18.19 -8.47
N ALA D 77 1.15 17.17 -9.22
CA ALA D 77 2.56 17.06 -9.56
C ALA D 77 3.01 18.21 -10.46
N LYS D 78 2.17 18.59 -11.43
CA LYS D 78 2.55 19.68 -12.33
C LYS D 78 2.82 20.98 -11.55
N HIS D 79 1.90 21.37 -10.69
CA HIS D 79 2.05 22.63 -9.97
C HIS D 79 3.13 22.54 -8.90
N ALA D 80 3.26 21.39 -8.24
CA ALA D 80 4.30 21.24 -7.23
C ALA D 80 5.69 21.34 -7.87
N VAL D 81 5.86 20.68 -9.02
CA VAL D 81 7.12 20.76 -9.75
C VAL D 81 7.38 22.19 -10.21
N SER D 82 6.36 22.87 -10.73
CA SER D 82 6.57 24.25 -11.18
C SER D 82 6.97 25.16 -10.02
N GLU D 83 6.29 25.02 -8.88
CA GLU D 83 6.61 25.86 -7.72
C GLU D 83 8.00 25.57 -7.21
N GLY D 84 8.36 24.30 -7.08
CA GLY D 84 9.71 23.96 -6.63
C GLY D 84 10.77 24.46 -7.59
N THR D 85 10.54 24.34 -8.89
CA THR D 85 11.49 24.82 -9.88
C THR D 85 11.68 26.32 -9.77
N LYS D 86 10.57 27.07 -9.71
CA LYS D 86 10.67 28.52 -9.59
C LYS D 86 11.40 28.92 -8.31
N ALA D 87 11.09 28.24 -7.21
CA ALA D 87 11.75 28.54 -5.94
C ALA D 87 13.25 28.31 -6.03
N VAL D 88 13.66 27.17 -6.61
CA VAL D 88 15.08 26.86 -6.68
C VAL D 88 15.81 27.83 -7.60
N THR D 89 15.20 28.18 -8.74
CA THR D 89 15.85 29.14 -9.64
C THR D 89 15.98 30.51 -8.98
N LYS D 90 14.93 30.98 -8.31
CA LYS D 90 15.01 32.28 -7.65
C LYS D 90 16.03 32.26 -6.53
N TYR D 91 16.07 31.19 -5.75
CA TYR D 91 17.04 31.06 -4.67
C TYR D 91 18.46 31.08 -5.18
N THR D 92 18.81 30.11 -6.02
CA THR D 92 20.18 29.98 -6.49
C THR D 92 20.60 31.22 -7.28
N SER D 93 19.74 31.72 -8.16
CA SER D 93 20.05 32.88 -8.99
C SER D 93 19.66 34.17 -8.27
N SER D 94 20.27 34.37 -7.11
CA SER D 94 20.03 35.57 -6.32
C SER D 94 21.31 36.03 -5.61
N LYS E 1 -55.87 6.81 14.66
CA LYS E 1 -54.70 5.97 14.83
C LYS E 1 -53.48 6.81 15.21
N PRO E 2 -52.64 6.28 16.11
CA PRO E 2 -51.42 6.99 16.48
C PRO E 2 -50.51 7.18 15.28
N HIS E 3 -49.81 8.31 15.27
CA HIS E 3 -48.91 8.63 14.17
C HIS E 3 -47.74 7.66 14.13
N ARG E 4 -47.40 7.21 12.93
CA ARG E 4 -46.26 6.33 12.73
C ARG E 4 -45.65 6.63 11.36
N TYR E 5 -44.34 6.49 11.27
CA TYR E 5 -43.60 6.70 10.04
C TYR E 5 -43.38 5.36 9.34
N ARG E 6 -43.63 5.34 8.04
CA ARG E 6 -43.45 4.09 7.29
C ARG E 6 -41.98 3.71 7.26
N PRO E 7 -41.66 2.42 7.32
CA PRO E 7 -40.25 2.02 7.43
C PRO E 7 -39.36 2.56 6.31
N GLY E 8 -38.31 3.27 6.71
CA GLY E 8 -37.36 3.80 5.75
C GLY E 8 -37.06 5.28 5.93
N THR E 9 -38.06 6.08 6.29
CA THR E 9 -37.84 7.51 6.43
C THR E 9 -37.03 7.83 7.68
N VAL E 10 -37.27 7.14 8.78
CA VAL E 10 -36.47 7.36 9.99
C VAL E 10 -35.05 6.87 9.77
N ALA E 11 -34.87 5.76 9.06
CA ALA E 11 -33.53 5.29 8.73
C ALA E 11 -32.79 6.31 7.85
N LEU E 12 -33.47 6.87 6.86
CA LEU E 12 -32.83 7.87 6.03
C LEU E 12 -32.51 9.14 6.81
N ARG E 13 -33.38 9.52 7.74
CA ARG E 13 -33.09 10.66 8.60
C ARG E 13 -31.89 10.40 9.49
N GLU E 14 -31.77 9.17 10.01
CA GLU E 14 -30.58 8.80 10.76
C GLU E 14 -29.32 8.88 9.90
N ILE E 15 -29.41 8.43 8.66
CA ILE E 15 -28.28 8.56 7.73
C ILE E 15 -27.90 10.01 7.58
N ARG E 16 -28.89 10.86 7.32
CA ARG E 16 -28.62 12.28 7.10
C ARG E 16 -28.08 12.95 8.35
N ARG E 17 -28.46 12.48 9.53
CA ARG E 17 -27.93 13.03 10.78
C ARG E 17 -26.48 12.62 10.98
N TYR E 18 -26.19 11.34 10.78
CA TYR E 18 -24.88 10.83 11.15
C TYR E 18 -23.83 11.03 10.05
N GLN E 19 -24.25 11.40 8.85
CA GLN E 19 -23.28 11.79 7.84
C GLN E 19 -22.93 13.27 7.90
N LYS E 20 -23.62 14.05 8.72
CA LYS E 20 -23.33 15.47 8.88
C LYS E 20 -22.55 15.76 10.16
N SER E 21 -22.38 14.78 11.03
CA SER E 21 -21.69 14.96 12.29
C SER E 21 -20.25 14.46 12.19
N THR E 22 -19.48 14.72 13.24
CA THR E 22 -18.09 14.27 13.32
C THR E 22 -17.79 13.54 14.61
N GLU E 23 -18.80 13.26 15.43
CA GLU E 23 -18.59 12.68 16.74
C GLU E 23 -18.20 11.20 16.60
N LEU E 24 -18.05 10.53 17.73
CA LEU E 24 -17.71 9.12 17.76
C LEU E 24 -18.94 8.33 18.19
N LEU E 25 -19.31 7.35 17.38
CA LEU E 25 -20.57 6.62 17.56
C LEU E 25 -20.42 5.42 18.47
N ILE E 26 -19.23 5.16 19.00
CA ILE E 26 -19.02 4.10 19.97
C ILE E 26 -18.73 4.75 21.32
N ARG E 27 -19.30 4.18 22.37
CA ARG E 27 -19.17 4.75 23.71
C ARG E 27 -17.74 4.59 24.21
N LYS E 28 -17.19 5.68 24.74
CA LYS E 28 -15.76 5.76 25.00
C LYS E 28 -15.33 4.77 26.06
N LEU E 29 -16.10 4.63 27.14
CA LEU E 29 -15.68 3.71 28.19
C LEU E 29 -15.63 2.25 27.73
N PRO E 30 -16.68 1.69 27.10
CA PRO E 30 -16.55 0.31 26.59
C PRO E 30 -15.52 0.17 25.48
N PHE E 31 -15.31 1.20 24.65
CA PHE E 31 -14.23 1.07 23.68
C PHE E 31 -12.87 1.03 24.36
N GLN E 32 -12.70 1.82 25.43
CA GLN E 32 -11.46 1.76 26.19
C GLN E 32 -11.26 0.38 26.79
N ARG E 33 -12.31 -0.20 27.36
CA ARG E 33 -12.20 -1.55 27.88
C ARG E 33 -11.85 -2.56 26.80
N LEU E 34 -12.42 -2.41 25.61
CA LEU E 34 -12.09 -3.30 24.49
C LEU E 34 -10.62 -3.16 24.10
N VAL E 35 -10.16 -1.92 23.95
CA VAL E 35 -8.76 -1.68 23.57
C VAL E 35 -7.83 -2.28 24.61
N ARG E 36 -8.15 -2.10 25.89
CA ARG E 36 -7.29 -2.58 26.95
C ARG E 36 -7.29 -4.10 27.05
N GLU E 37 -8.44 -4.75 26.87
CA GLU E 37 -8.44 -6.22 26.89
C GLU E 37 -7.76 -6.80 25.65
N ILE E 38 -7.75 -6.07 24.53
CA ILE E 38 -6.99 -6.53 23.37
C ILE E 38 -5.49 -6.39 23.61
N ALA E 39 -5.07 -5.24 24.15
CA ALA E 39 -3.66 -5.03 24.45
C ALA E 39 -3.16 -5.92 25.56
N GLN E 40 -4.05 -6.41 26.41
CA GLN E 40 -3.69 -7.37 27.44
C GLN E 40 -3.13 -8.66 26.88
N ASP E 41 -3.52 -9.04 25.66
CA ASP E 41 -2.95 -10.20 25.01
C ASP E 41 -1.55 -10.00 24.47
N PHE E 42 -1.11 -8.74 24.34
CA PHE E 42 0.24 -8.46 23.85
C PHE E 42 1.20 -8.04 24.96
N LYS E 43 0.73 -7.33 25.98
CA LYS E 43 1.61 -6.98 27.11
C LYS E 43 0.78 -6.79 28.36
N THR E 44 1.06 -7.58 29.38
CA THR E 44 0.39 -7.43 30.67
C THR E 44 0.86 -6.14 31.37
N ASP E 45 -0.01 -5.62 32.24
CA ASP E 45 0.29 -4.42 33.02
C ASP E 45 0.65 -3.24 32.12
N LEU E 46 0.04 -3.19 30.95
CA LEU E 46 0.26 -2.14 29.97
C LEU E 46 -0.56 -0.90 30.32
N ARG E 47 -0.02 0.27 29.98
CA ARG E 47 -0.67 1.55 30.26
C ARG E 47 -0.94 2.27 28.94
N PHE E 48 -1.97 3.11 28.95
CA PHE E 48 -2.43 3.73 27.71
C PHE E 48 -2.63 5.22 27.91
N GLN E 49 -2.14 6.01 26.96
CA GLN E 49 -2.42 7.43 26.93
C GLN E 49 -3.85 7.69 26.45
N SER E 50 -4.44 8.79 26.94
CA SER E 50 -5.74 9.21 26.43
C SER E 50 -5.70 9.49 24.94
N SER E 51 -4.64 10.14 24.47
CA SER E 51 -4.48 10.35 23.04
C SER E 51 -4.31 9.05 22.29
N ALA E 52 -3.62 8.07 22.88
CA ALA E 52 -3.48 6.78 22.22
C ALA E 52 -4.84 6.10 22.04
N VAL E 53 -5.66 6.11 23.10
CA VAL E 53 -6.96 5.46 23.00
C VAL E 53 -7.86 6.20 22.01
N MET E 54 -7.84 7.53 22.06
CA MET E 54 -8.65 8.33 21.15
C MET E 54 -8.11 8.36 19.73
N ALA E 55 -6.90 7.85 19.51
CA ALA E 55 -6.38 7.64 18.17
C ALA E 55 -6.63 6.25 17.64
N LEU E 56 -6.74 5.25 18.51
CA LEU E 56 -7.26 3.95 18.10
C LEU E 56 -8.74 4.01 17.74
N GLN E 57 -9.54 4.72 18.54
CA GLN E 57 -10.97 4.84 18.27
C GLN E 57 -11.23 5.56 16.96
N GLU E 58 -10.47 6.61 16.69
CA GLU E 58 -10.68 7.36 15.45
C GLU E 58 -10.37 6.51 14.24
N ALA E 59 -9.36 5.65 14.32
CA ALA E 59 -9.10 4.73 13.23
C ALA E 59 -10.23 3.73 13.06
N SER E 60 -10.75 3.21 14.18
CA SER E 60 -11.83 2.23 14.10
C SER E 60 -13.09 2.83 13.48
N GLU E 61 -13.43 4.06 13.86
CA GLU E 61 -14.68 4.68 13.41
C GLU E 61 -14.58 5.18 11.98
N ALA E 62 -13.43 5.00 11.34
CA ALA E 62 -13.34 5.19 9.90
C ALA E 62 -13.18 3.89 9.13
N TYR E 63 -12.45 2.92 9.68
CA TYR E 63 -12.40 1.59 9.08
C TYR E 63 -13.79 0.98 8.96
N LEU E 64 -14.58 1.03 10.05
CA LEU E 64 -15.90 0.44 10.01
C LEU E 64 -16.82 1.16 9.03
N VAL E 65 -16.70 2.47 8.92
CA VAL E 65 -17.53 3.21 7.98
C VAL E 65 -17.15 2.86 6.54
N GLY E 66 -15.86 2.74 6.24
CA GLY E 66 -15.46 2.32 4.90
C GLY E 66 -15.98 0.93 4.57
N LEU E 67 -15.85 0.00 5.51
CA LEU E 67 -16.35 -1.36 5.28
C LEU E 67 -17.85 -1.34 5.06
N PHE E 68 -18.58 -0.51 5.81
CA PHE E 68 -20.03 -0.44 5.63
C PHE E 68 -20.39 0.14 4.28
N GLU E 69 -19.63 1.13 3.80
CA GLU E 69 -19.91 1.65 2.46
C GLU E 69 -19.69 0.58 1.40
N ASP E 70 -18.60 -0.18 1.49
CA ASP E 70 -18.38 -1.25 0.51
C ASP E 70 -19.44 -2.35 0.61
N THR E 71 -19.87 -2.69 1.83
CA THR E 71 -20.93 -3.67 1.98
C THR E 71 -22.24 -3.16 1.39
N ASN E 72 -22.55 -1.89 1.57
CA ASN E 72 -23.75 -1.32 0.96
C ASN E 72 -23.68 -1.40 -0.55
N LEU E 73 -22.51 -1.11 -1.12
CA LEU E 73 -22.35 -1.25 -2.56
C LEU E 73 -22.55 -2.69 -3.01
N CYS E 74 -22.05 -3.65 -2.24
CA CYS E 74 -22.29 -5.05 -2.56
C CYS E 74 -23.77 -5.38 -2.53
N ALA E 75 -24.49 -4.92 -1.51
CA ALA E 75 -25.92 -5.20 -1.39
C ALA E 75 -26.68 -4.59 -2.55
N ILE E 76 -26.32 -3.38 -2.94
CA ILE E 76 -26.96 -2.76 -4.10
C ILE E 76 -26.68 -3.58 -5.36
N HIS E 77 -25.45 -4.10 -5.49
CA HIS E 77 -25.13 -4.93 -6.65
C HIS E 77 -25.96 -6.19 -6.68
N ALA E 78 -26.24 -6.78 -5.51
CA ALA E 78 -26.94 -8.05 -5.48
C ALA E 78 -28.45 -7.89 -5.52
N LYS E 79 -28.91 -6.76 -6.03
CA LYS E 79 -30.35 -6.47 -6.16
C LYS E 79 -31.06 -6.55 -4.82
N ARG E 80 -30.54 -5.82 -3.84
CA ARG E 80 -31.07 -5.83 -2.49
C ARG E 80 -30.84 -4.47 -1.84
N VAL E 81 -31.58 -4.21 -0.77
CA VAL E 81 -31.38 -3.00 0.02
C VAL E 81 -30.89 -3.30 1.43
N THR E 82 -30.92 -4.56 1.87
CA THR E 82 -30.47 -4.96 3.19
C THR E 82 -29.07 -5.55 3.08
N ILE E 83 -28.10 -4.94 3.76
CA ILE E 83 -26.75 -5.47 3.79
C ILE E 83 -26.72 -6.73 4.65
N MET E 84 -25.81 -7.63 4.32
CA MET E 84 -25.80 -8.97 4.88
C MET E 84 -24.38 -9.42 5.16
N PRO E 85 -24.21 -10.40 6.04
CA PRO E 85 -22.86 -10.93 6.30
C PRO E 85 -22.16 -11.44 5.06
N LYS E 86 -22.88 -12.04 4.11
CA LYS E 86 -22.26 -12.45 2.87
C LYS E 86 -21.76 -11.26 2.07
N ASP E 87 -22.49 -10.15 2.07
CA ASP E 87 -21.99 -8.93 1.45
C ASP E 87 -20.74 -8.41 2.15
N ILE E 88 -20.69 -8.44 3.48
CA ILE E 88 -19.48 -8.02 4.19
C ILE E 88 -18.30 -8.92 3.80
N GLN E 89 -18.55 -10.23 3.76
CA GLN E 89 -17.49 -11.16 3.41
C GLN E 89 -16.99 -10.92 1.99
N LEU E 90 -17.90 -10.68 1.05
CA LEU E 90 -17.47 -10.37 -0.31
C LEU E 90 -16.65 -9.10 -0.34
N ALA E 91 -17.09 -8.06 0.36
CA ALA E 91 -16.36 -6.81 0.37
C ALA E 91 -14.94 -7.00 0.88
N ARG E 92 -14.80 -7.68 2.02
CA ARG E 92 -13.48 -7.91 2.61
C ARG E 92 -12.62 -8.78 1.72
N ARG E 93 -13.17 -9.86 1.15
CA ARG E 93 -12.41 -10.73 0.27
C ARG E 93 -11.95 -9.99 -0.98
N ILE E 94 -12.72 -9.02 -1.46
CA ILE E 94 -12.30 -8.28 -2.64
C ILE E 94 -11.22 -7.27 -2.30
N ARG E 95 -11.39 -6.51 -1.21
CA ARG E 95 -10.35 -5.54 -0.86
C ARG E 95 -9.08 -6.21 -0.37
N GLY E 96 -9.16 -7.50 0.01
CA GLY E 96 -7.99 -8.31 0.26
C GLY E 96 -7.67 -8.52 1.72
N GLU E 97 -8.46 -7.93 2.61
CA GLU E 97 -8.20 -8.05 4.04
C GLU E 97 -8.10 -9.50 4.49
N ARG E 98 -9.11 -10.30 4.15
CA ARG E 98 -9.11 -11.70 4.53
C ARG E 98 -9.90 -12.50 3.51
N ALA E 99 -9.26 -13.52 2.94
CA ALA E 99 -9.89 -14.37 1.94
C ALA E 99 -10.54 -15.58 2.59
N ASP F 4 -14.95 -9.30 28.09
CA ASP F 4 -16.19 -9.39 27.33
C ASP F 4 -16.77 -7.99 27.15
N ASN F 5 -15.97 -7.10 26.56
CA ASN F 5 -16.39 -5.73 26.32
C ASN F 5 -16.55 -5.41 24.84
N ILE F 6 -16.48 -6.43 23.97
CA ILE F 6 -16.84 -6.22 22.57
C ILE F 6 -18.32 -5.94 22.44
N GLN F 7 -19.13 -6.48 23.36
CA GLN F 7 -20.55 -6.16 23.39
C GLN F 7 -20.78 -4.67 23.66
N GLY F 8 -19.79 -3.99 24.23
CA GLY F 8 -19.86 -2.54 24.36
C GLY F 8 -19.96 -1.82 23.04
N ILE F 9 -19.65 -2.50 21.93
CA ILE F 9 -19.96 -2.01 20.60
C ILE F 9 -21.40 -2.42 20.34
N THR F 10 -22.33 -1.59 20.79
CA THR F 10 -23.73 -1.97 20.87
C THR F 10 -24.42 -1.94 19.51
N LYS F 11 -25.57 -2.59 19.45
CA LYS F 11 -26.40 -2.55 18.25
C LYS F 11 -26.75 -1.13 17.83
N PRO F 12 -27.15 -0.22 18.74
CA PRO F 12 -27.28 1.19 18.32
C PRO F 12 -26.00 1.77 17.79
N ALA F 13 -24.85 1.40 18.37
CA ALA F 13 -23.57 1.96 17.90
C ALA F 13 -23.25 1.48 16.50
N ILE F 14 -23.39 0.18 16.25
CA ILE F 14 -23.13 -0.37 14.92
C ILE F 14 -24.13 0.20 13.92
N ARG F 15 -25.38 0.39 14.34
CA ARG F 15 -26.38 0.98 13.46
C ARG F 15 -26.02 2.42 13.12
N ARG F 16 -25.50 3.16 14.09
CA ARG F 16 -25.04 4.52 13.82
C ARG F 16 -23.87 4.54 12.86
N LEU F 17 -22.94 3.60 13.02
CA LEU F 17 -21.82 3.49 12.09
C LEU F 17 -22.33 3.19 10.68
N ALA F 18 -23.30 2.29 10.58
CA ALA F 18 -23.87 1.98 9.28
C ALA F 18 -24.56 3.18 8.68
N ARG F 19 -25.31 3.93 9.48
CA ARG F 19 -25.97 5.13 8.99
C ARG F 19 -24.96 6.16 8.51
N ARG F 20 -23.81 6.24 9.18
CA ARG F 20 -22.72 7.05 8.66
C ARG F 20 -22.22 6.50 7.33
N GLY F 21 -22.23 5.19 7.18
CA GLY F 21 -21.82 4.56 5.94
C GLY F 21 -22.87 4.52 4.86
N GLY F 22 -24.07 5.04 5.12
CA GLY F 22 -25.12 5.09 4.13
C GLY F 22 -26.04 3.89 4.10
N VAL F 23 -25.94 2.98 5.07
CA VAL F 23 -26.79 1.81 5.09
C VAL F 23 -28.19 2.18 5.55
N LYS F 24 -29.20 1.75 4.79
CA LYS F 24 -30.60 2.03 5.10
C LYS F 24 -31.29 0.90 5.84
N ARG F 25 -31.10 -0.34 5.42
CA ARG F 25 -31.64 -1.50 6.11
C ARG F 25 -30.50 -2.41 6.54
N ILE F 26 -30.65 -3.02 7.71
CA ILE F 26 -29.58 -3.79 8.31
C ILE F 26 -30.12 -5.15 8.70
N SER F 27 -29.44 -6.21 8.29
CA SER F 27 -29.83 -7.55 8.70
C SER F 27 -29.49 -7.77 10.18
N GLY F 28 -30.08 -8.80 10.75
CA GLY F 28 -29.89 -9.11 12.15
C GLY F 28 -28.59 -9.78 12.51
N LEU F 29 -27.82 -10.22 11.50
CA LEU F 29 -26.53 -10.85 11.75
C LEU F 29 -25.37 -9.93 11.38
N ILE F 30 -25.66 -8.69 10.99
CA ILE F 30 -24.62 -7.74 10.63
C ILE F 30 -23.79 -7.34 11.85
N TYR F 31 -24.43 -7.25 13.02
CA TYR F 31 -23.76 -6.70 14.20
C TYR F 31 -22.63 -7.59 14.66
N GLU F 32 -22.86 -8.91 14.72
CA GLU F 32 -21.80 -9.82 15.13
C GLU F 32 -20.63 -9.81 14.16
N GLU F 33 -20.93 -9.76 12.86
CA GLU F 33 -19.88 -9.69 11.85
C GLU F 33 -19.06 -8.41 11.99
N THR F 34 -19.73 -7.28 12.23
CA THR F 34 -19.02 -6.03 12.45
C THR F 34 -18.17 -6.07 13.70
N ARG F 35 -18.65 -6.70 14.77
CA ARG F 35 -17.86 -6.87 15.98
C ARG F 35 -16.60 -7.68 15.70
N GLY F 36 -16.74 -8.78 14.95
CA GLY F 36 -15.56 -9.58 14.61
C GLY F 36 -14.56 -8.82 13.77
N VAL F 37 -15.05 -8.06 12.80
CA VAL F 37 -14.15 -7.27 11.96
C VAL F 37 -13.44 -6.21 12.78
N LEU F 38 -14.14 -5.53 13.67
CA LEU F 38 -13.52 -4.54 14.54
C LEU F 38 -12.46 -5.17 15.44
N LYS F 39 -12.76 -6.34 15.99
CA LYS F 39 -11.78 -7.04 16.83
C LYS F 39 -10.53 -7.37 16.04
N VAL F 40 -10.69 -7.86 14.82
CA VAL F 40 -9.52 -8.17 13.99
C VAL F 40 -8.70 -6.92 13.67
N PHE F 41 -9.35 -5.82 13.29
CA PHE F 41 -8.62 -4.59 12.99
C PHE F 41 -7.87 -4.08 14.21
N LEU F 42 -8.52 -4.08 15.37
CA LEU F 42 -7.87 -3.61 16.59
C LEU F 42 -6.71 -4.51 16.97
N GLU F 43 -6.86 -5.82 16.82
CA GLU F 43 -5.73 -6.70 17.07
C GLU F 43 -4.55 -6.36 16.17
N ASN F 44 -4.82 -6.15 14.88
CA ASN F 44 -3.74 -5.85 13.94
C ASN F 44 -3.02 -4.56 14.31
N VAL F 45 -3.76 -3.51 14.68
CA VAL F 45 -3.10 -2.25 15.01
C VAL F 45 -2.36 -2.35 16.35
N ILE F 46 -3.00 -2.94 17.35
CA ILE F 46 -2.44 -2.89 18.69
C ILE F 46 -1.23 -3.81 18.82
N ARG F 47 -1.15 -4.89 18.04
CA ARG F 47 0.09 -5.68 18.10
C ARG F 47 1.30 -4.86 17.67
N ASP F 48 1.18 -4.10 16.58
CA ASP F 48 2.26 -3.24 16.14
C ASP F 48 2.54 -2.12 17.15
N ALA F 49 1.50 -1.52 17.72
CA ALA F 49 1.71 -0.47 18.71
C ALA F 49 2.46 -1.00 19.93
N VAL F 50 2.07 -2.18 20.42
CA VAL F 50 2.73 -2.77 21.57
C VAL F 50 4.17 -3.15 21.24
N THR F 51 4.42 -3.63 20.01
CA THR F 51 5.79 -3.93 19.63
C THR F 51 6.65 -2.67 19.61
N TYR F 52 6.12 -1.56 19.08
CA TYR F 52 6.84 -0.30 19.14
C TYR F 52 7.15 0.11 20.58
N THR F 53 6.14 -0.01 21.46
CA THR F 53 6.34 0.36 22.86
C THR F 53 7.41 -0.51 23.51
N GLU F 54 7.39 -1.81 23.25
CA GLU F 54 8.42 -2.69 23.80
C GLU F 54 9.80 -2.31 23.28
N HIS F 55 9.92 -1.97 21.99
CA HIS F 55 11.22 -1.57 21.47
C HIS F 55 11.72 -0.29 22.13
N ALA F 56 10.83 0.67 22.34
CA ALA F 56 11.26 1.92 22.97
C ALA F 56 11.55 1.76 24.46
N LYS F 57 11.47 0.55 25.01
CA LYS F 57 11.66 0.31 26.44
C LYS F 57 10.75 1.20 27.28
N ARG F 58 9.51 1.33 26.86
CA ARG F 58 8.48 2.09 27.55
C ARG F 58 7.47 1.14 28.16
N LYS F 59 6.64 1.69 29.06
CA LYS F 59 5.59 0.92 29.70
C LYS F 59 4.19 1.41 29.35
N THR F 60 4.06 2.53 28.63
CA THR F 60 2.78 3.06 28.20
C THR F 60 2.79 3.22 26.69
N VAL F 61 1.73 2.75 26.04
CA VAL F 61 1.57 3.01 24.61
C VAL F 61 1.22 4.47 24.41
N THR F 62 1.88 5.11 23.46
CA THR F 62 1.69 6.52 23.18
C THR F 62 0.88 6.70 21.91
N ALA F 63 0.29 7.88 21.77
CA ALA F 63 -0.34 8.22 20.51
C ALA F 63 0.62 8.10 19.35
N MET F 64 1.90 8.37 19.59
CA MET F 64 2.90 8.18 18.55
C MET F 64 3.08 6.71 18.21
N ASP F 65 3.08 5.82 19.22
CA ASP F 65 3.14 4.40 18.91
C ASP F 65 1.94 3.95 18.11
N VAL F 66 0.75 4.44 18.44
CA VAL F 66 -0.45 4.10 17.69
C VAL F 66 -0.38 4.60 16.25
N VAL F 67 0.11 5.83 16.06
CA VAL F 67 0.23 6.37 14.72
C VAL F 67 1.25 5.58 13.91
N TYR F 68 2.36 5.18 14.53
CA TYR F 68 3.34 4.35 13.83
C TYR F 68 2.73 3.02 13.43
N ALA F 69 1.98 2.38 14.34
CA ALA F 69 1.33 1.12 14.01
C ALA F 69 0.34 1.29 12.86
N LEU F 70 -0.42 2.37 12.86
CA LEU F 70 -1.38 2.62 11.78
C LEU F 70 -0.66 2.88 10.46
N LYS F 71 0.45 3.61 10.51
CA LYS F 71 1.22 3.91 9.30
C LYS F 71 1.90 2.67 8.73
N ARG F 72 2.22 1.70 9.57
CA ARG F 72 2.84 0.47 9.09
C ARG F 72 1.87 -0.44 8.34
N GLN F 73 0.57 -0.16 8.37
CA GLN F 73 -0.41 -0.97 7.67
C GLN F 73 -1.18 -0.15 6.63
N GLY F 74 -0.57 0.91 6.14
CA GLY F 74 -1.21 1.75 5.14
C GLY F 74 -2.46 2.43 5.64
N ARG F 75 -2.52 2.77 6.92
CA ARG F 75 -3.66 3.45 7.54
C ARG F 75 -3.18 4.67 8.31
N THR F 76 -2.35 5.49 7.67
CA THR F 76 -1.77 6.64 8.34
C THR F 76 -2.86 7.56 8.88
N LEU F 77 -2.71 7.95 10.14
CA LEU F 77 -3.68 8.79 10.84
C LEU F 77 -3.10 10.19 11.02
N TYR F 78 -3.93 11.19 10.80
CA TYR F 78 -3.55 12.58 10.94
C TYR F 78 -4.06 13.13 12.26
N GLY F 79 -3.53 14.28 12.66
CA GLY F 79 -3.97 14.92 13.89
C GLY F 79 -3.15 14.60 15.10
N PHE F 80 -3.14 13.33 15.52
CA PHE F 80 -2.52 12.95 16.79
C PHE F 80 -1.00 12.90 16.66
N GLY F 81 -0.40 14.02 16.26
CA GLY F 81 1.04 14.14 16.15
C GLY F 81 1.53 13.79 14.75
N GLY F 82 2.81 14.05 14.54
CA GLY F 82 3.44 13.77 13.26
C GLY F 82 4.70 14.57 13.04
N ARG G 4 33.99 -13.56 8.79
CA ARG G 4 32.95 -13.31 9.79
C ARG G 4 31.73 -14.21 9.55
N SER G 5 31.41 -14.43 8.28
CA SER G 5 30.31 -15.34 7.95
C SER G 5 30.61 -16.75 8.43
N SER G 6 31.84 -17.21 8.26
CA SER G 6 32.23 -18.52 8.76
C SER G 6 32.26 -18.54 10.28
N ARG G 7 32.61 -17.42 10.91
CA ARG G 7 32.62 -17.35 12.37
C ARG G 7 31.24 -17.54 12.95
N ALA G 8 30.23 -16.91 12.37
CA ALA G 8 28.86 -17.01 12.87
C ALA G 8 28.03 -18.05 12.13
N GLY G 9 28.63 -18.78 11.19
CA GLY G 9 27.96 -19.90 10.55
C GLY G 9 26.79 -19.51 9.66
N LEU G 10 27.07 -18.78 8.58
CA LEU G 10 26.04 -18.35 7.65
C LEU G 10 26.51 -18.63 6.22
N GLN G 11 25.60 -19.10 5.39
CA GLN G 11 25.89 -19.26 3.97
C GLN G 11 25.68 -17.98 3.20
N PHE G 12 25.32 -16.92 3.92
CA PHE G 12 25.10 -15.59 3.38
C PHE G 12 26.24 -14.66 3.76
N PRO G 13 26.57 -13.68 2.92
CA PRO G 13 27.79 -12.90 3.14
C PRO G 13 27.65 -11.80 4.17
N VAL G 14 28.28 -11.98 5.34
CA VAL G 14 28.21 -10.97 6.39
C VAL G 14 28.89 -9.69 5.94
N GLY G 15 30.05 -9.80 5.29
CA GLY G 15 30.73 -8.61 4.80
C GLY G 15 29.91 -7.86 3.77
N ARG G 16 29.29 -8.59 2.84
CA ARG G 16 28.51 -7.93 1.80
C ARG G 16 27.28 -7.25 2.39
N VAL G 17 26.58 -7.90 3.33
CA VAL G 17 25.40 -7.26 3.91
C VAL G 17 25.81 -6.07 4.77
N HIS G 18 26.98 -6.16 5.44
CA HIS G 18 27.49 -5.04 6.20
C HIS G 18 27.79 -3.85 5.29
N ARG G 19 28.43 -4.10 4.15
CA ARG G 19 28.71 -3.04 3.20
C ARG G 19 27.42 -2.43 2.65
N LEU G 20 26.42 -3.27 2.37
CA LEU G 20 25.13 -2.77 1.89
C LEU G 20 24.46 -1.90 2.95
N LEU G 21 24.53 -2.30 4.21
CA LEU G 21 23.96 -1.49 5.28
C LEU G 21 24.69 -0.15 5.39
N ARG G 22 26.02 -0.17 5.32
CA ARG G 22 26.77 1.08 5.47
C ARG G 22 26.58 2.01 4.30
N LYS G 23 26.46 1.48 3.08
CA LYS G 23 26.30 2.30 1.89
C LYS G 23 24.84 2.57 1.54
N GLY G 24 23.92 1.73 2.00
CA GLY G 24 22.51 1.93 1.71
C GLY G 24 21.92 3.18 2.32
N ASN G 25 22.65 3.83 3.24
CA ASN G 25 22.21 5.07 3.88
C ASN G 25 20.91 4.87 4.66
N TYR G 26 20.94 3.89 5.57
CA TYR G 26 19.83 3.69 6.49
C TYR G 26 20.00 4.52 7.75
N ALA G 27 21.24 4.66 8.23
CA ALA G 27 21.55 5.51 9.36
C ALA G 27 22.99 5.99 9.20
N GLU G 28 23.46 6.74 10.19
CA GLU G 28 24.84 7.23 10.16
C GLU G 28 25.83 6.24 10.74
N ARG G 29 25.38 5.36 11.63
CA ARG G 29 26.21 4.29 12.15
C ARG G 29 25.43 2.98 12.11
N VAL G 30 26.16 1.90 11.87
CA VAL G 30 25.58 0.56 11.79
C VAL G 30 26.36 -0.33 12.74
N GLY G 31 25.70 -0.86 13.75
CA GLY G 31 26.35 -1.74 14.68
C GLY G 31 26.74 -3.05 14.03
N ALA G 32 27.69 -3.73 14.64
CA ALA G 32 28.19 -5.00 14.12
C ALA G 32 27.42 -6.19 14.68
N GLY G 33 26.11 -6.09 14.66
CA GLY G 33 25.26 -7.25 14.85
C GLY G 33 24.13 -7.23 13.84
N ALA G 34 23.93 -6.08 13.21
CA ALA G 34 22.94 -5.99 12.16
C ALA G 34 23.27 -6.84 10.93
N PRO G 35 24.48 -6.83 10.38
CA PRO G 35 24.77 -7.73 9.25
C PRO G 35 24.63 -9.19 9.63
N VAL G 36 25.03 -9.54 10.85
CA VAL G 36 24.96 -10.93 11.29
C VAL G 36 23.50 -11.36 11.42
N TYR G 37 22.64 -10.50 11.94
CA TYR G 37 21.22 -10.82 12.05
C TYR G 37 20.57 -10.90 10.67
N MET G 38 20.94 -9.98 9.78
CA MET G 38 20.28 -9.91 8.48
C MET G 38 20.67 -11.09 7.61
N ALA G 39 21.95 -11.48 7.63
CA ALA G 39 22.42 -12.56 6.78
C ALA G 39 21.95 -13.91 7.30
N ALA G 40 21.24 -13.91 8.43
CA ALA G 40 20.54 -15.09 8.91
C ALA G 40 19.05 -15.03 8.66
N VAL G 41 18.42 -13.87 8.80
CA VAL G 41 16.99 -13.76 8.48
C VAL G 41 16.76 -14.00 6.99
N LEU G 42 17.59 -13.38 6.14
CA LEU G 42 17.45 -13.58 4.70
C LEU G 42 17.69 -15.03 4.33
N GLU G 43 18.70 -15.64 4.95
CA GLU G 43 19.00 -17.06 4.71
C GLU G 43 17.81 -17.93 5.08
N TYR G 44 17.19 -17.68 6.23
CA TYR G 44 16.04 -18.46 6.64
C TYR G 44 14.88 -18.28 5.67
N LEU G 45 14.64 -17.04 5.22
CA LEU G 45 13.55 -16.79 4.29
C LEU G 45 13.77 -17.53 2.97
N THR G 46 15.00 -17.47 2.45
CA THR G 46 15.30 -18.16 1.20
C THR G 46 15.17 -19.67 1.36
N ALA G 47 15.65 -20.22 2.47
CA ALA G 47 15.50 -21.66 2.69
C ALA G 47 14.03 -22.03 2.79
N GLU G 48 13.22 -21.18 3.41
CA GLU G 48 11.79 -21.48 3.55
C GLU G 48 11.09 -21.50 2.21
N ILE G 49 11.40 -20.54 1.34
CA ILE G 49 10.70 -20.47 0.05
C ILE G 49 11.47 -21.25 -1.01
N LEU G 50 12.49 -21.99 -0.58
CA LEU G 50 13.15 -22.99 -1.43
C LEU G 50 12.71 -24.41 -1.11
N GLU G 51 12.45 -24.70 0.16
CA GLU G 51 11.98 -26.04 0.51
C GLU G 51 10.63 -26.33 -0.11
N LEU G 52 9.68 -25.39 0.02
CA LEU G 52 8.35 -25.58 -0.55
C LEU G 52 8.38 -25.56 -2.07
N ALA G 53 9.20 -24.68 -2.68
CA ALA G 53 9.29 -24.57 -4.13
C ALA G 53 10.14 -25.68 -4.74
N GLY G 54 10.58 -26.64 -3.93
CA GLY G 54 11.24 -27.84 -4.43
C GLY G 54 10.38 -29.04 -4.11
N ASN G 55 9.61 -28.95 -3.03
CA ASN G 55 8.57 -29.93 -2.77
C ASN G 55 7.50 -29.90 -3.87
N ALA G 56 7.14 -28.71 -4.32
CA ALA G 56 6.21 -28.59 -5.44
C ALA G 56 6.80 -29.21 -6.71
N ALA G 57 8.10 -29.00 -6.95
CA ALA G 57 8.75 -29.62 -8.10
C ALA G 57 8.75 -31.13 -7.97
N ARG G 58 8.98 -31.65 -6.77
CA ARG G 58 8.89 -33.09 -6.54
C ARG G 58 7.49 -33.61 -6.80
N ASP G 59 6.46 -32.82 -6.47
CA ASP G 59 5.09 -33.20 -6.75
C ASP G 59 4.76 -33.15 -8.24
N ASN G 60 5.71 -32.79 -9.10
CA ASN G 60 5.48 -32.74 -10.53
C ASN G 60 6.50 -33.61 -11.29
N LYS G 61 7.21 -34.48 -10.57
CA LYS G 61 8.19 -35.38 -11.16
C LYS G 61 9.26 -34.61 -11.94
N LYS G 62 9.78 -33.56 -11.30
CA LYS G 62 10.81 -32.73 -11.88
C LYS G 62 12.02 -32.68 -10.95
N THR G 63 13.16 -32.31 -11.52
CA THR G 63 14.39 -32.16 -10.77
C THR G 63 14.88 -30.72 -10.69
N ARG G 64 14.25 -29.81 -11.43
CA ARG G 64 14.65 -28.40 -11.43
C ARG G 64 13.46 -27.54 -10.98
N ILE G 65 13.77 -26.45 -10.30
CA ILE G 65 12.75 -25.55 -9.77
C ILE G 65 12.47 -24.48 -10.80
N ILE G 66 11.19 -24.26 -11.09
CA ILE G 66 10.78 -23.26 -12.08
C ILE G 66 9.89 -22.22 -11.42
N PRO G 67 9.73 -21.04 -12.03
CA PRO G 67 8.86 -20.01 -11.43
C PRO G 67 7.45 -20.51 -11.17
N ARG G 68 6.96 -21.46 -11.97
CA ARG G 68 5.65 -22.03 -11.69
C ARG G 68 5.65 -22.76 -10.35
N HIS G 69 6.69 -23.55 -10.09
CA HIS G 69 6.78 -24.23 -8.79
C HIS G 69 6.92 -23.23 -7.67
N LEU G 70 7.70 -22.16 -7.88
CA LEU G 70 7.84 -21.14 -6.85
C LEU G 70 6.50 -20.48 -6.54
N GLN G 71 5.76 -20.10 -7.57
CA GLN G 71 4.46 -19.45 -7.39
C GLN G 71 3.47 -20.39 -6.69
N LEU G 72 3.44 -21.66 -7.11
CA LEU G 72 2.54 -22.61 -6.49
C LEU G 72 2.87 -22.81 -5.01
N ALA G 73 4.14 -22.95 -4.66
CA ALA G 73 4.51 -23.10 -3.25
C ALA G 73 4.17 -21.86 -2.45
N ILE G 74 4.47 -20.68 -3.00
CA ILE G 74 4.20 -19.43 -2.28
C ILE G 74 2.71 -19.25 -2.05
N ARG G 75 1.89 -19.53 -3.06
CA ARG G 75 0.46 -19.38 -2.93
C ARG G 75 -0.18 -20.45 -2.05
N ASN G 76 0.39 -21.66 -2.01
CA ASN G 76 -0.15 -22.69 -1.14
C ASN G 76 0.19 -22.42 0.32
N ASP G 77 1.40 -21.94 0.60
CA ASP G 77 1.78 -21.66 1.98
C ASP G 77 0.99 -20.47 2.51
N GLU G 78 0.54 -20.57 3.76
CA GLU G 78 -0.30 -19.52 4.34
C GLU G 78 0.53 -18.26 4.63
N GLU G 79 1.55 -18.39 5.48
CA GLU G 79 2.33 -17.23 5.88
C GLU G 79 3.08 -16.62 4.69
N LEU G 80 3.62 -17.47 3.82
CA LEU G 80 4.37 -16.96 2.67
C LEU G 80 3.48 -16.16 1.75
N ASN G 81 2.25 -16.62 1.52
CA ASN G 81 1.30 -15.86 0.72
C ASN G 81 0.98 -14.51 1.38
N LYS G 82 0.81 -14.51 2.70
CA LYS G 82 0.51 -13.28 3.41
C LYS G 82 1.65 -12.27 3.30
N LEU G 83 2.88 -12.75 3.44
CA LEU G 83 4.04 -11.85 3.31
C LEU G 83 4.18 -11.35 1.88
N LEU G 84 4.15 -12.26 0.91
CA LEU G 84 4.25 -11.91 -0.50
C LEU G 84 2.88 -11.76 -1.12
N GLY G 85 2.03 -10.91 -0.52
CA GLY G 85 0.66 -10.78 -0.99
C GLY G 85 0.52 -9.94 -2.25
N LYS G 86 1.51 -9.12 -2.57
CA LYS G 86 1.45 -8.25 -3.73
C LYS G 86 2.62 -8.51 -4.68
N VAL G 87 3.10 -9.74 -4.73
CA VAL G 87 4.25 -10.11 -5.54
C VAL G 87 3.77 -10.74 -6.83
N THR G 88 4.17 -10.16 -7.96
CA THR G 88 3.82 -10.66 -9.29
C THR G 88 4.99 -11.48 -9.81
N ILE G 89 4.89 -12.80 -9.75
CA ILE G 89 5.95 -13.67 -10.24
C ILE G 89 5.72 -13.96 -11.71
N ALA G 90 6.73 -13.68 -12.54
CA ALA G 90 6.64 -13.97 -13.95
C ALA G 90 6.77 -15.46 -14.21
N GLN G 91 6.03 -15.95 -15.22
CA GLN G 91 6.01 -17.37 -15.57
C GLN G 91 5.65 -18.24 -14.37
N GLY G 92 4.67 -17.78 -13.60
CA GLY G 92 4.25 -18.51 -12.44
C GLY G 92 2.82 -19.02 -12.55
N GLY G 93 2.01 -18.36 -13.35
CA GLY G 93 0.62 -18.75 -13.47
C GLY G 93 -0.15 -18.40 -12.22
N VAL G 94 -1.30 -19.05 -12.06
CA VAL G 94 -2.14 -18.88 -10.88
C VAL G 94 -2.59 -20.24 -10.40
N LEU G 95 -2.99 -20.31 -9.14
CA LEU G 95 -3.41 -21.57 -8.54
C LEU G 95 -4.65 -22.09 -9.26
N PRO G 96 -4.73 -23.40 -9.53
CA PRO G 96 -5.95 -23.96 -10.11
C PRO G 96 -7.11 -23.89 -9.13
N ASN G 97 -8.11 -23.06 -9.44
CA ASN G 97 -9.22 -22.82 -8.52
C ASN G 97 -10.50 -22.65 -9.34
N ILE G 98 -11.35 -23.67 -9.32
CA ILE G 98 -12.67 -23.61 -9.93
C ILE G 98 -13.71 -23.64 -8.82
N GLN G 99 -14.61 -22.66 -8.83
CA GLN G 99 -15.60 -22.56 -7.76
C GLN G 99 -16.55 -23.75 -7.78
N ALA G 100 -17.03 -24.11 -6.59
CA ALA G 100 -17.91 -25.26 -6.47
C ALA G 100 -19.23 -25.05 -7.22
N VAL G 101 -19.70 -23.80 -7.26
CA VAL G 101 -20.97 -23.50 -7.92
C VAL G 101 -20.86 -23.80 -9.42
N LEU G 102 -19.77 -23.38 -10.05
CA LEU G 102 -19.66 -23.51 -11.50
C LEU G 102 -19.50 -24.96 -11.93
N LEU G 103 -19.08 -25.83 -11.03
CA LEU G 103 -18.92 -27.24 -11.38
C LEU G 103 -20.29 -27.84 -11.72
N PRO G 104 -20.38 -28.66 -12.76
CA PRO G 104 -21.70 -29.17 -13.18
C PRO G 104 -22.33 -30.05 -12.10
N LYS G 105 -23.65 -29.96 -12.01
CA LYS G 105 -24.40 -30.71 -11.01
C LYS G 105 -24.54 -32.17 -11.42
N ARG H 3 30.92 -5.65 -13.09
CA ARG H 3 30.16 -6.86 -12.83
C ARG H 3 29.07 -6.61 -11.80
N LYS H 4 27.99 -7.39 -11.88
CA LYS H 4 26.84 -7.25 -10.99
C LYS H 4 26.93 -8.31 -9.91
N GLU H 5 27.22 -7.88 -8.68
CA GLU H 5 27.21 -8.79 -7.55
C GLU H 5 25.79 -9.25 -7.26
N SER H 6 25.64 -10.51 -6.89
CA SER H 6 24.33 -11.10 -6.67
C SER H 6 24.43 -12.11 -5.53
N TYR H 7 23.29 -12.72 -5.20
CA TYR H 7 23.21 -13.75 -4.18
C TYR H 7 23.07 -15.13 -4.79
N SER H 8 23.31 -15.27 -6.09
CA SER H 8 23.12 -16.54 -6.76
C SER H 8 24.05 -17.61 -6.20
N VAL H 9 25.29 -17.24 -5.92
CA VAL H 9 26.25 -18.19 -5.37
C VAL H 9 25.82 -18.63 -3.97
N TYR H 10 25.32 -17.70 -3.17
CA TYR H 10 24.94 -18.01 -1.79
C TYR H 10 23.66 -18.82 -1.73
N VAL H 11 22.64 -18.42 -2.50
CA VAL H 11 21.38 -19.16 -2.49
C VAL H 11 21.58 -20.56 -3.06
N TYR H 12 22.49 -20.71 -4.02
CA TYR H 12 22.82 -22.03 -4.54
C TYR H 12 23.36 -22.97 -3.46
N LYS H 13 23.95 -22.43 -2.40
CA LYS H 13 24.47 -23.24 -1.31
C LYS H 13 23.44 -23.54 -0.23
N VAL H 14 22.45 -22.67 -0.05
CA VAL H 14 21.43 -22.95 0.96
C VAL H 14 20.46 -24.02 0.46
N LEU H 15 20.38 -24.23 -0.84
CA LEU H 15 19.54 -25.31 -1.37
C LEU H 15 20.19 -26.66 -1.10
N LYS H 16 21.52 -26.75 -1.26
CA LYS H 16 22.21 -28.02 -1.07
C LYS H 16 22.08 -28.56 0.34
N GLN H 17 21.76 -27.71 1.32
CA GLN H 17 21.55 -28.16 2.69
C GLN H 17 20.09 -28.45 3.00
N VAL H 18 19.17 -28.13 2.10
CA VAL H 18 17.75 -28.40 2.29
C VAL H 18 17.21 -29.34 1.19
N HIS H 19 17.66 -29.15 -0.05
CA HIS H 19 17.32 -30.01 -1.18
C HIS H 19 18.61 -30.39 -1.88
N PRO H 20 19.36 -31.34 -1.32
CA PRO H 20 20.70 -31.63 -1.85
C PRO H 20 20.74 -32.19 -3.26
N ASP H 21 19.60 -32.64 -3.80
CA ASP H 21 19.59 -33.29 -5.10
C ASP H 21 18.93 -32.49 -6.21
N THR H 22 17.96 -31.64 -5.91
CA THR H 22 17.29 -30.88 -6.96
C THR H 22 18.15 -29.71 -7.42
N GLY H 23 17.83 -29.19 -8.60
CA GLY H 23 18.50 -28.06 -9.18
C GLY H 23 17.60 -26.84 -9.27
N ILE H 24 18.20 -25.73 -9.72
CA ILE H 24 17.49 -24.48 -9.86
C ILE H 24 17.66 -24.00 -11.29
N SER H 25 16.55 -23.70 -11.96
CA SER H 25 16.62 -23.12 -13.29
C SER H 25 17.10 -21.67 -13.21
N SER H 26 17.64 -21.18 -14.34
CA SER H 26 18.19 -19.83 -14.37
C SER H 26 17.12 -18.77 -14.13
N LYS H 27 15.91 -18.96 -14.63
CA LYS H 27 14.84 -18.01 -14.38
C LYS H 27 14.45 -17.99 -12.92
N ALA H 28 14.47 -19.14 -12.26
CA ALA H 28 14.20 -19.19 -10.82
C ALA H 28 15.29 -18.47 -10.05
N MET H 29 16.54 -18.59 -10.50
CA MET H 29 17.65 -17.86 -9.87
C MET H 29 17.41 -16.36 -9.89
N GLY H 30 16.83 -15.84 -10.97
CA GLY H 30 16.51 -14.43 -11.03
C GLY H 30 15.30 -14.04 -10.20
N ILE H 31 14.40 -14.98 -9.92
CA ILE H 31 13.26 -14.69 -9.06
C ILE H 31 13.71 -14.45 -7.63
N MET H 32 14.60 -15.31 -7.13
CA MET H 32 14.98 -15.22 -5.73
C MET H 32 15.96 -14.08 -5.47
N ASN H 33 16.77 -13.73 -6.45
CA ASN H 33 17.61 -12.55 -6.30
C ASN H 33 16.75 -11.31 -6.10
N SER H 34 15.62 -11.25 -6.80
CA SER H 34 14.64 -10.20 -6.52
C SER H 34 13.98 -10.39 -5.17
N PHE H 35 13.81 -11.63 -4.72
CA PHE H 35 13.15 -11.88 -3.43
C PHE H 35 14.01 -11.38 -2.27
N VAL H 36 15.28 -11.78 -2.25
CA VAL H 36 16.16 -11.38 -1.16
C VAL H 36 16.39 -9.87 -1.17
N ASN H 37 16.62 -9.31 -2.35
CA ASN H 37 16.87 -7.87 -2.45
C ASN H 37 15.66 -7.06 -2.00
N ASP H 38 14.46 -7.48 -2.39
CA ASP H 38 13.26 -6.76 -1.97
C ASP H 38 13.01 -6.88 -0.47
N ILE H 39 13.21 -8.08 0.08
CA ILE H 39 13.05 -8.27 1.52
C ILE H 39 14.09 -7.48 2.29
N PHE H 40 15.34 -7.49 1.81
CA PHE H 40 16.40 -6.77 2.49
C PHE H 40 16.10 -5.28 2.55
N GLU H 41 15.51 -4.73 1.50
CA GLU H 41 15.13 -3.32 1.53
C GLU H 41 13.96 -3.04 2.47
N ARG H 42 13.27 -4.07 2.94
CA ARG H 42 12.15 -3.91 3.84
C ARG H 42 12.52 -4.02 5.31
N ILE H 43 13.36 -4.98 5.67
CA ILE H 43 13.85 -5.06 7.04
C ILE H 43 14.78 -3.90 7.37
N ALA H 44 15.71 -3.58 6.46
CA ALA H 44 16.58 -2.44 6.69
C ALA H 44 15.82 -1.13 6.70
N GLY H 45 14.81 -0.97 5.85
CA GLY H 45 14.01 0.23 5.88
C GLY H 45 13.11 0.36 7.09
N GLU H 46 12.81 -0.76 7.75
CA GLU H 46 12.03 -0.70 8.97
C GLU H 46 12.90 -0.33 10.17
N ALA H 47 14.08 -0.94 10.27
CA ALA H 47 15.02 -0.60 11.32
C ALA H 47 15.59 0.80 11.16
N SER H 48 15.54 1.37 9.96
CA SER H 48 15.98 2.75 9.77
C SER H 48 15.01 3.74 10.39
N ARG H 49 13.71 3.47 10.29
CA ARG H 49 12.71 4.37 10.86
C ARG H 49 12.64 4.22 12.37
N LEU H 50 12.94 3.02 12.88
CA LEU H 50 12.89 2.81 14.33
C LEU H 50 13.90 3.68 15.06
N ALA H 51 15.11 3.80 14.53
CA ALA H 51 16.09 4.68 15.13
C ALA H 51 15.64 6.14 15.05
N HIS H 52 15.05 6.54 13.93
CA HIS H 52 14.57 7.91 13.79
C HIS H 52 13.49 8.22 14.82
N TYR H 53 12.58 7.27 15.03
CA TYR H 53 11.56 7.44 16.07
C TYR H 53 12.19 7.46 17.46
N ASN H 54 13.18 6.60 17.69
CA ASN H 54 13.82 6.44 19.00
C ASN H 54 14.92 7.47 19.24
N LYS H 55 15.11 8.43 18.33
CA LYS H 55 16.14 9.46 18.44
C LYS H 55 17.54 8.87 18.54
N ARG H 56 17.69 7.61 18.12
CA ARG H 56 18.97 6.93 18.20
C ARG H 56 19.80 7.24 16.95
N SER H 57 20.99 6.66 16.88
CA SER H 57 21.91 6.91 15.79
C SER H 57 22.52 5.66 15.17
N THR H 58 22.57 4.55 15.89
CA THR H 58 23.21 3.33 15.42
C THR H 58 22.17 2.25 15.20
N ILE H 59 22.11 1.69 13.99
CA ILE H 59 21.29 0.53 13.73
C ILE H 59 21.97 -0.69 14.33
N THR H 60 21.25 -1.43 15.17
CA THR H 60 21.86 -2.54 15.88
C THR H 60 21.02 -3.80 15.77
N SER H 61 21.39 -4.85 16.50
CA SER H 61 20.59 -6.07 16.51
C SER H 61 19.27 -5.91 17.24
N ARG H 62 19.15 -4.90 18.12
CA ARG H 62 17.88 -4.65 18.78
C ARG H 62 16.86 -4.01 17.86
N GLU H 63 17.30 -3.36 16.79
CA GLU H 63 16.40 -2.76 15.83
C GLU H 63 16.10 -3.68 14.66
N ILE H 64 17.02 -4.58 14.32
CA ILE H 64 16.71 -5.58 13.31
C ILE H 64 15.64 -6.52 13.83
N GLN H 65 15.72 -6.89 15.11
CA GLN H 65 14.70 -7.74 15.71
C GLN H 65 13.32 -7.11 15.61
N THR H 66 13.21 -5.83 15.98
CA THR H 66 11.93 -5.14 15.87
C THR H 66 11.50 -4.97 14.42
N ALA H 67 12.44 -4.74 13.51
CA ALA H 67 12.11 -4.64 12.10
C ALA H 67 11.58 -5.97 11.57
N VAL H 68 12.18 -7.08 11.97
CA VAL H 68 11.78 -8.39 11.47
C VAL H 68 10.40 -8.76 12.00
N ARG H 69 10.18 -8.63 13.30
CA ARG H 69 8.92 -9.07 13.89
C ARG H 69 7.77 -8.16 13.53
N LEU H 70 8.04 -6.93 13.09
CA LEU H 70 6.98 -6.08 12.57
C LEU H 70 6.53 -6.51 11.19
N LEU H 71 7.48 -6.90 10.32
CA LEU H 71 7.16 -7.21 8.93
C LEU H 71 6.86 -8.68 8.70
N LEU H 72 7.29 -9.56 9.59
CA LEU H 72 7.02 -10.93 9.21
C LEU H 72 5.81 -11.48 9.96
N PRO H 73 4.89 -12.13 9.24
CA PRO H 73 3.64 -12.58 9.87
C PRO H 73 3.83 -13.84 10.68
N GLY H 74 3.25 -13.85 11.87
CA GLY H 74 3.07 -15.05 12.67
C GLY H 74 4.30 -15.90 12.89
N GLU H 75 4.22 -17.17 12.46
CA GLU H 75 5.29 -18.12 12.68
C GLU H 75 6.58 -17.75 11.96
N LEU H 76 6.50 -16.92 10.92
CA LEU H 76 7.70 -16.49 10.23
C LEU H 76 8.57 -15.64 11.14
N ALA H 77 7.96 -14.70 11.85
CA ALA H 77 8.73 -13.85 12.76
C ALA H 77 9.32 -14.67 13.89
N LYS H 78 8.56 -15.65 14.40
CA LYS H 78 9.04 -16.43 15.53
C LYS H 78 10.21 -17.33 15.12
N HIS H 79 10.41 -17.56 13.82
CA HIS H 79 11.55 -18.32 13.35
C HIS H 79 12.64 -17.46 12.73
N ALA H 80 12.29 -16.31 12.16
CA ALA H 80 13.33 -15.40 11.66
C ALA H 80 14.09 -14.75 12.81
N VAL H 81 13.38 -14.33 13.86
CA VAL H 81 14.03 -13.77 15.03
C VAL H 81 14.89 -14.81 15.71
N SER H 82 14.38 -16.04 15.81
CA SER H 82 15.13 -17.11 16.45
C SER H 82 16.45 -17.38 15.73
N GLU H 83 16.44 -17.32 14.39
CA GLU H 83 17.66 -17.58 13.64
C GLU H 83 18.69 -16.48 13.86
N GLY H 84 18.26 -15.22 13.79
CA GLY H 84 19.22 -14.13 13.94
C GLY H 84 19.83 -14.09 15.33
N THR H 85 19.01 -14.32 16.36
CA THR H 85 19.52 -14.27 17.72
C THR H 85 20.61 -15.30 17.91
N LYS H 86 20.40 -16.50 17.38
CA LYS H 86 21.41 -17.55 17.43
C LYS H 86 22.64 -17.22 16.60
N ALA H 87 22.54 -16.26 15.68
CA ALA H 87 23.69 -15.87 14.87
C ALA H 87 24.58 -14.87 15.60
N VAL H 88 23.98 -13.79 16.12
CA VAL H 88 24.75 -12.79 16.85
C VAL H 88 25.34 -13.38 18.12
N THR H 89 24.58 -14.24 18.80
CA THR H 89 25.09 -14.89 20.00
C THR H 89 26.33 -15.71 19.69
N LYS H 90 26.28 -16.49 18.60
CA LYS H 90 27.47 -17.23 18.19
C LYS H 90 28.56 -16.29 17.69
N TYR H 91 28.16 -15.21 17.02
CA TYR H 91 29.14 -14.28 16.44
C TYR H 91 30.03 -13.67 17.53
N THR H 92 29.42 -13.11 18.57
CA THR H 92 30.19 -12.51 19.64
C THR H 92 30.99 -13.57 20.40
N SER H 93 30.38 -14.72 20.66
CA SER H 93 31.06 -15.80 21.37
C SER H 93 32.11 -16.46 20.49
#